data_3BQ9
#
_entry.id   3BQ9
#
_cell.length_a   98.415
_cell.length_b   171.857
_cell.length_c   57.362
_cell.angle_alpha   90.00
_cell.angle_beta   90.00
_cell.angle_gamma   90.00
#
_symmetry.space_group_name_H-M   'P 21 21 2'
#
loop_
_entity.id
_entity.type
_entity.pdbx_description
1 polymer 'Predicted Rossmann fold nucleotide-binding domain-containing protein'
2 non-polymer 'SULFATE ION'
3 non-polymer GLYCEROL
4 water water
#
_entity_poly.entity_id   1
_entity_poly.type   'polypeptide(L)'
_entity_poly.pdbx_seq_one_letter_code
;MSLASISPQGSMSLLSQLEIERLKASSNSQLYKLFRNCCLAVLNAGSHTDSSADIYDSYKDFEVNIIRRERGIKLELIEP
PEEAFVDGEVIVGIRELLESVLRDILFTGERYSETDLEHADSATLTHVVFDILRNARTLRPQEEPNMVVCWGGHSINEIE
YKYTKDVGYHIGLRGLNICTGCGPGAMKGPMKGATIGHAKQRVEGGRYLGLTEPGIIAAEPPNPIVNELVILPDIEKRLE
AFVRCAHGIVIFPGGAGTAEELLYLLGILMHPDNQRQSLPVILTGPASSRDYFEALDEFIGATIGDEARQLYKIIIDDPA
AVAQHMHAGMAAVKQYRRDSGDAYYFNWTLKINEEFQRPFSPTHENVAALNLHPDQPKERLAADLRRAFSAIVAGNVKDE
GIRQIRKNGVFTIHGEQSLMKRLDELLRAFVEQGRMKLPGSVYNPCYKVITDEGHHHHHH
;
_entity_poly.pdbx_strand_id   A,B
#
# COMPACT_ATOMS: atom_id res chain seq x y z
N SER A 2 -14.45 8.00 -28.64
CA SER A 2 -12.99 7.80 -28.37
C SER A 2 -12.60 6.34 -28.63
N LEU A 3 -11.30 6.12 -28.79
CA LEU A 3 -10.75 4.80 -29.09
C LEU A 3 -9.42 4.58 -28.38
N ALA A 4 -9.34 3.52 -27.57
CA ALA A 4 -8.03 3.07 -27.08
C ALA A 4 -7.69 1.74 -27.77
N SER A 5 -6.65 1.76 -28.58
CA SER A 5 -6.26 0.55 -29.28
C SER A 5 -5.11 -0.15 -28.54
N ILE A 6 -5.45 -1.16 -27.75
CA ILE A 6 -4.50 -1.81 -26.86
C ILE A 6 -3.76 -2.99 -27.50
N SER A 7 -2.44 -3.02 -27.39
CA SER A 7 -1.65 -4.15 -27.84
CA SER A 7 -1.65 -4.16 -27.85
C SER A 7 -1.48 -5.18 -26.70
N PRO A 8 -2.11 -6.36 -26.83
CA PRO A 8 -2.04 -7.33 -25.73
C PRO A 8 -0.65 -7.94 -25.64
N GLN A 9 -0.22 -8.29 -24.43
CA GLN A 9 1.13 -8.84 -24.25
C GLN A 9 1.11 -10.37 -24.07
N GLY A 10 -0.08 -10.92 -23.89
CA GLY A 10 -0.24 -12.35 -23.66
C GLY A 10 -0.72 -13.09 -24.89
N SER A 11 -1.48 -14.16 -24.65
CA SER A 11 -1.95 -15.05 -25.71
CA SER A 11 -1.98 -15.06 -25.69
C SER A 11 -2.89 -14.39 -26.71
N MET A 12 -3.56 -13.30 -26.33
CA MET A 12 -4.44 -12.58 -27.27
CA MET A 12 -4.44 -12.57 -27.26
C MET A 12 -3.64 -12.08 -28.46
N SER A 13 -2.35 -11.82 -28.26
CA SER A 13 -1.45 -11.35 -29.32
C SER A 13 -1.23 -12.39 -30.43
N LEU A 14 -1.61 -13.64 -30.16
CA LEU A 14 -1.43 -14.73 -31.13
C LEU A 14 -2.74 -15.38 -31.60
N LEU A 15 -3.86 -14.68 -31.42
CA LEU A 15 -5.12 -15.09 -32.06
C LEU A 15 -4.99 -14.96 -33.57
N SER A 16 -5.51 -15.94 -34.32
CA SER A 16 -5.46 -15.85 -35.77
C SER A 16 -6.73 -15.18 -36.27
N GLN A 17 -6.69 -14.72 -37.52
CA GLN A 17 -7.86 -14.11 -38.18
C GLN A 17 -9.06 -15.06 -38.17
N LEU A 18 -8.81 -16.34 -38.48
CA LEU A 18 -9.83 -17.40 -38.40
C LEU A 18 -10.53 -17.43 -37.05
N GLU A 19 -9.74 -17.38 -35.97
CA GLU A 19 -10.26 -17.41 -34.62
C GLU A 19 -11.03 -16.15 -34.26
N ILE A 20 -10.60 -14.99 -34.77
CA ILE A 20 -11.30 -13.72 -34.51
C ILE A 20 -12.66 -13.73 -35.24
N GLU A 21 -12.66 -14.22 -36.47
CA GLU A 21 -13.87 -14.39 -37.25
CA GLU A 21 -13.88 -14.39 -37.24
C GLU A 21 -14.88 -15.29 -36.53
N ARG A 22 -14.37 -16.36 -35.92
CA ARG A 22 -15.17 -17.31 -35.14
CA ARG A 22 -15.17 -17.31 -35.14
C ARG A 22 -15.84 -16.61 -33.96
N LEU A 23 -15.07 -15.82 -33.23
CA LEU A 23 -15.59 -15.10 -32.05
C LEU A 23 -16.66 -14.08 -32.44
N LYS A 24 -16.55 -13.56 -33.65
CA LYS A 24 -17.48 -12.57 -34.17
C LYS A 24 -18.68 -13.19 -34.89
N ALA A 25 -18.74 -14.52 -34.96
CA ALA A 25 -19.88 -15.21 -35.59
C ALA A 25 -21.15 -15.11 -34.74
N SER A 26 -22.31 -15.24 -35.40
CA SER A 26 -23.61 -15.17 -34.73
CA SER A 26 -23.61 -15.17 -34.74
C SER A 26 -23.77 -16.24 -33.65
N SER A 27 -23.18 -17.40 -33.87
CA SER A 27 -23.18 -18.50 -32.91
C SER A 27 -22.45 -18.19 -31.60
N ASN A 28 -21.49 -17.26 -31.63
CA ASN A 28 -20.74 -16.89 -30.42
C ASN A 28 -21.10 -15.50 -29.86
N SER A 29 -22.25 -14.97 -30.27
CA SER A 29 -22.67 -13.60 -29.92
CA SER A 29 -22.66 -13.60 -29.92
C SER A 29 -22.85 -13.38 -28.43
N GLN A 30 -23.42 -14.38 -27.75
CA GLN A 30 -23.63 -14.32 -26.28
C GLN A 30 -22.30 -14.27 -25.51
N LEU A 31 -21.34 -15.05 -26.01
CA LEU A 31 -19.99 -15.12 -25.48
C LEU A 31 -19.20 -13.82 -25.69
N TYR A 32 -19.34 -13.21 -26.87
CA TYR A 32 -18.67 -11.95 -27.16
C TYR A 32 -19.23 -10.84 -26.29
N LYS A 33 -20.55 -10.87 -26.06
CA LYS A 33 -21.20 -9.89 -25.18
CA LYS A 33 -21.20 -9.89 -25.17
C LYS A 33 -20.71 -10.04 -23.73
N LEU A 34 -20.61 -11.28 -23.27
CA LEU A 34 -20.09 -11.58 -21.94
C LEU A 34 -18.73 -10.93 -21.71
N PHE A 35 -17.87 -11.03 -22.72
CA PHE A 35 -16.57 -10.36 -22.74
C PHE A 35 -16.67 -8.83 -22.67
N ARG A 36 -17.58 -8.25 -23.45
CA ARG A 36 -17.81 -6.81 -23.42
C ARG A 36 -18.26 -6.38 -22.02
N ASN A 37 -19.17 -7.16 -21.43
CA ASN A 37 -19.77 -6.79 -20.14
C ASN A 37 -18.76 -6.90 -19.02
N CYS A 38 -17.92 -7.93 -19.08
CA CYS A 38 -16.86 -8.16 -18.09
C CYS A 38 -15.73 -7.13 -18.19
N CYS A 39 -15.34 -6.75 -19.42
CA CYS A 39 -14.46 -5.60 -19.64
C CYS A 39 -14.97 -4.31 -19.03
N LEU A 40 -16.26 -4.03 -19.20
CA LEU A 40 -16.85 -2.79 -18.66
C LEU A 40 -16.73 -2.73 -17.16
N ALA A 41 -17.04 -3.86 -16.51
CA ALA A 41 -16.91 -3.99 -15.06
C ALA A 41 -15.48 -3.72 -14.58
N VAL A 42 -14.50 -4.23 -15.29
CA VAL A 42 -13.11 -3.98 -14.94
C VAL A 42 -12.71 -2.49 -15.13
N LEU A 43 -13.14 -1.90 -16.25
CA LEU A 43 -12.80 -0.51 -16.55
C LEU A 43 -13.45 0.53 -15.63
N ASN A 44 -14.69 0.29 -15.23
CA ASN A 44 -15.38 1.24 -14.33
CA ASN A 44 -15.43 1.21 -14.34
C ASN A 44 -15.37 0.81 -12.86
N ALA A 45 -14.32 0.11 -12.46
CA ALA A 45 -14.19 -0.33 -11.07
C ALA A 45 -14.10 0.82 -10.08
N GLY A 46 -13.50 1.94 -10.52
CA GLY A 46 -13.31 3.11 -9.65
C GLY A 46 -13.44 4.42 -10.40
N SER A 51 -27.19 -2.25 -9.53
CA SER A 51 -25.74 -2.36 -9.44
C SER A 51 -25.16 -3.00 -10.70
N SER A 52 -25.77 -4.08 -11.16
CA SER A 52 -25.52 -4.64 -12.49
C SER A 52 -26.67 -4.26 -13.43
N ALA A 53 -27.23 -3.09 -13.19
CA ALA A 53 -28.26 -2.47 -14.02
C ALA A 53 -28.09 -0.95 -13.92
N ASP A 54 -27.20 -0.53 -13.02
CA ASP A 54 -26.87 0.87 -12.80
C ASP A 54 -25.80 1.38 -13.76
N ILE A 55 -24.71 0.62 -13.91
CA ILE A 55 -23.58 1.04 -14.77
C ILE A 55 -23.73 0.60 -16.24
N TYR A 56 -24.58 -0.39 -16.49
CA TYR A 56 -24.85 -0.86 -17.86
C TYR A 56 -25.69 0.13 -18.67
N ASP A 57 -26.53 0.91 -17.98
CA ASP A 57 -27.32 1.96 -18.61
C ASP A 57 -26.60 3.32 -18.60
N SER A 58 -25.36 3.32 -18.12
CA SER A 58 -24.54 4.53 -18.02
C SER A 58 -23.37 4.52 -19.01
N TYR A 59 -23.02 3.32 -19.50
CA TYR A 59 -22.00 3.16 -20.54
C TYR A 59 -22.55 2.30 -21.67
N LYS A 60 -23.73 2.66 -22.17
CA LYS A 60 -24.38 1.98 -23.28
C LYS A 60 -23.52 2.03 -24.55
N ASP A 61 -22.76 3.11 -24.70
CA ASP A 61 -21.91 3.36 -25.87
C ASP A 61 -20.59 2.58 -25.85
N PHE A 62 -20.22 2.07 -24.68
CA PHE A 62 -19.01 1.26 -24.54
C PHE A 62 -19.09 -0.02 -25.38
N GLU A 63 -18.04 -0.28 -26.15
CA GLU A 63 -17.96 -1.51 -26.94
C GLU A 63 -16.51 -1.99 -26.98
N VAL A 64 -16.33 -3.28 -27.24
CA VAL A 64 -15.00 -3.83 -27.52
C VAL A 64 -14.92 -4.32 -28.96
N ASN A 65 -13.71 -4.35 -29.51
CA ASN A 65 -13.49 -4.83 -30.86
C ASN A 65 -12.10 -5.43 -31.01
N ILE A 66 -12.04 -6.76 -31.06
CA ILE A 66 -10.76 -7.46 -31.28
C ILE A 66 -10.56 -7.52 -32.78
N ILE A 67 -9.42 -6.99 -33.25
CA ILE A 67 -9.15 -6.90 -34.68
CA ILE A 67 -9.12 -6.95 -34.70
C ILE A 67 -7.64 -7.13 -34.99
N ARG A 68 -7.37 -7.80 -36.10
CA ARG A 68 -6.02 -7.90 -36.60
C ARG A 68 -5.70 -6.62 -37.37
N ARG A 69 -4.69 -5.89 -36.91
CA ARG A 69 -4.11 -4.78 -37.68
C ARG A 69 -2.75 -5.22 -38.26
N GLU A 70 -2.14 -4.38 -39.12
CA GLU A 70 -0.84 -4.71 -39.74
C GLU A 70 0.28 -4.91 -38.73
N ARG A 71 0.20 -4.17 -37.62
CA ARG A 71 1.18 -4.25 -36.53
C ARG A 71 0.85 -5.30 -35.47
N GLY A 72 -0.28 -6.00 -35.65
CA GLY A 72 -0.66 -7.10 -34.79
C GLY A 72 -2.11 -7.04 -34.36
N ILE A 73 -2.48 -7.93 -33.44
CA ILE A 73 -3.84 -8.01 -32.89
C ILE A 73 -4.04 -6.85 -31.92
N LYS A 74 -5.18 -6.17 -32.01
CA LYS A 74 -5.47 -5.08 -31.11
CA LYS A 74 -5.47 -5.08 -31.12
C LYS A 74 -6.80 -5.30 -30.40
N LEU A 75 -6.84 -4.90 -29.13
CA LEU A 75 -8.09 -4.83 -28.39
C LEU A 75 -8.50 -3.37 -28.43
N GLU A 76 -9.54 -3.06 -29.21
CA GLU A 76 -10.10 -1.73 -29.23
C GLU A 76 -11.14 -1.58 -28.12
N LEU A 77 -10.96 -0.57 -27.28
CA LEU A 77 -11.98 -0.15 -26.32
C LEU A 77 -12.59 1.14 -26.86
N ILE A 78 -13.89 1.10 -27.07
CA ILE A 78 -14.59 2.17 -27.74
C ILE A 78 -15.45 2.84 -26.67
N GLU A 79 -15.21 4.13 -26.47
CA GLU A 79 -15.83 4.88 -25.39
C GLU A 79 -15.67 4.21 -24.00
N PRO A 80 -14.43 3.86 -23.59
CA PRO A 80 -14.26 3.26 -22.27
C PRO A 80 -14.37 4.31 -21.16
N PRO A 81 -14.68 3.89 -19.91
CA PRO A 81 -14.60 4.75 -18.74
C PRO A 81 -13.21 5.41 -18.63
N GLU A 82 -13.20 6.72 -18.42
CA GLU A 82 -11.94 7.47 -18.43
C GLU A 82 -11.05 7.24 -17.20
N GLU A 83 -11.65 6.80 -16.09
CA GLU A 83 -10.93 6.48 -14.84
C GLU A 83 -9.87 5.39 -15.04
N ALA A 84 -10.06 4.58 -16.07
CA ALA A 84 -9.18 3.48 -16.36
C ALA A 84 -7.90 3.95 -17.05
N PHE A 85 -7.80 5.25 -17.31
CA PHE A 85 -6.70 5.82 -18.10
C PHE A 85 -6.02 6.97 -17.38
N VAL A 86 -4.70 7.04 -17.54
CA VAL A 86 -3.89 8.13 -17.01
CA VAL A 86 -3.93 8.17 -17.04
C VAL A 86 -3.10 8.70 -18.19
N ASP A 87 -3.35 9.98 -18.51
CA ASP A 87 -2.79 10.65 -19.71
C ASP A 87 -3.07 9.88 -21.01
N GLY A 88 -4.23 9.22 -21.07
CA GLY A 88 -4.66 8.50 -22.26
C GLY A 88 -4.13 7.09 -22.45
N GLU A 89 -3.20 6.66 -21.60
CA GLU A 89 -2.67 5.28 -21.61
C GLU A 89 -3.41 4.46 -20.58
N VAL A 90 -3.75 3.21 -20.94
CA VAL A 90 -4.48 2.33 -20.03
C VAL A 90 -3.56 1.97 -18.86
N ILE A 91 -4.10 2.00 -17.65
CA ILE A 91 -3.36 1.57 -16.46
CA ILE A 91 -3.36 1.59 -16.47
C ILE A 91 -2.90 0.13 -16.72
N VAL A 92 -1.62 -0.12 -16.54
CA VAL A 92 -1.02 -1.41 -16.88
C VAL A 92 -1.75 -2.63 -16.27
N GLY A 93 -2.11 -2.53 -14.99
CA GLY A 93 -2.78 -3.63 -14.29
C GLY A 93 -4.17 -3.91 -14.83
N ILE A 94 -4.89 -2.83 -15.18
CA ILE A 94 -6.13 -2.92 -15.94
C ILE A 94 -5.96 -3.66 -17.27
N ARG A 95 -4.90 -3.37 -18.02
CA ARG A 95 -4.64 -4.16 -19.24
C ARG A 95 -4.45 -5.64 -18.93
N GLU A 96 -3.73 -5.93 -17.85
CA GLU A 96 -3.55 -7.31 -17.42
C GLU A 96 -4.88 -7.93 -17.03
N LEU A 97 -5.73 -7.19 -16.34
CA LEU A 97 -7.06 -7.71 -16.01
C LEU A 97 -7.91 -8.01 -17.25
N LEU A 98 -7.94 -7.07 -18.21
CA LEU A 98 -8.66 -7.27 -19.47
C LEU A 98 -8.18 -8.54 -20.20
N GLU A 99 -6.88 -8.78 -20.18
CA GLU A 99 -6.32 -9.97 -20.82
C GLU A 99 -6.73 -11.28 -20.13
N SER A 100 -6.89 -11.24 -18.80
CA SER A 100 -7.29 -12.43 -18.05
C SER A 100 -8.78 -12.72 -18.21
N VAL A 101 -9.56 -11.67 -18.42
CA VAL A 101 -10.99 -11.81 -18.69
C VAL A 101 -11.19 -12.60 -19.98
N LEU A 102 -10.47 -12.21 -21.02
CA LEU A 102 -10.64 -12.88 -22.31
C LEU A 102 -10.15 -14.34 -22.23
N ARG A 103 -9.01 -14.53 -21.58
CA ARG A 103 -8.44 -15.87 -21.35
C ARG A 103 -9.50 -16.80 -20.77
N ASP A 104 -10.14 -16.38 -19.68
CA ASP A 104 -11.15 -17.21 -19.01
C ASP A 104 -12.42 -17.40 -19.81
N ILE A 105 -12.91 -16.34 -20.45
CA ILE A 105 -14.15 -16.42 -21.24
C ILE A 105 -14.03 -17.38 -22.45
N LEU A 106 -12.89 -17.32 -23.14
CA LEU A 106 -12.67 -18.18 -24.30
C LEU A 106 -12.40 -19.62 -23.87
N PHE A 107 -11.66 -19.79 -22.78
CA PHE A 107 -11.36 -21.13 -22.26
C PHE A 107 -12.64 -21.88 -21.93
N THR A 108 -13.46 -21.29 -21.05
CA THR A 108 -14.71 -21.88 -20.64
C THR A 108 -15.66 -22.06 -21.82
N GLY A 109 -15.79 -21.00 -22.62
CA GLY A 109 -16.69 -20.97 -23.79
C GLY A 109 -16.40 -22.02 -24.85
N GLU A 110 -15.14 -22.44 -24.95
CA GLU A 110 -14.72 -23.42 -25.94
C GLU A 110 -14.73 -24.87 -25.45
N ARG A 111 -14.76 -25.05 -24.13
CA ARG A 111 -14.64 -26.40 -23.57
CA ARG A 111 -14.63 -26.40 -23.56
C ARG A 111 -15.89 -26.87 -22.85
N TYR A 112 -16.67 -25.94 -22.32
CA TYR A 112 -17.84 -26.31 -21.57
C TYR A 112 -19.11 -25.65 -22.09
N SER A 113 -20.07 -26.50 -22.46
CA SER A 113 -21.41 -26.04 -22.81
C SER A 113 -22.15 -25.66 -21.54
N GLU A 114 -23.25 -24.92 -21.69
CA GLU A 114 -24.08 -24.54 -20.54
C GLU A 114 -24.65 -25.76 -19.81
N THR A 115 -24.96 -26.84 -20.54
CA THR A 115 -25.48 -28.08 -19.96
CA THR A 115 -25.47 -28.06 -19.94
C THR A 115 -24.43 -28.78 -19.07
N ASP A 116 -23.18 -28.76 -19.51
CA ASP A 116 -22.05 -29.28 -18.73
C ASP A 116 -21.88 -28.52 -17.42
N LEU A 117 -21.95 -27.20 -17.50
CA LEU A 117 -21.78 -26.32 -16.33
C LEU A 117 -22.92 -26.43 -15.32
N GLU A 118 -24.14 -26.65 -15.84
CA GLU A 118 -25.34 -26.73 -15.01
C GLU A 118 -25.64 -28.15 -14.49
N HIS A 119 -25.38 -29.17 -15.31
CA HIS A 119 -25.97 -30.50 -15.05
C HIS A 119 -25.03 -31.67 -14.79
N ALA A 120 -23.72 -31.45 -14.87
CA ALA A 120 -22.77 -32.56 -14.71
C ALA A 120 -22.69 -33.08 -13.28
N ASP A 121 -22.10 -34.25 -13.11
CA ASP A 121 -21.92 -34.82 -11.77
C ASP A 121 -20.91 -34.02 -10.95
N SER A 122 -20.94 -34.23 -9.64
CA SER A 122 -20.09 -33.53 -8.69
C SER A 122 -18.61 -33.50 -9.08
N ALA A 123 -18.06 -34.66 -9.41
CA ALA A 123 -16.63 -34.75 -9.75
C ALA A 123 -16.28 -33.95 -11.00
N THR A 124 -17.17 -33.96 -12.01
CA THR A 124 -16.99 -33.17 -13.22
C THR A 124 -17.01 -31.67 -12.92
N LEU A 125 -17.97 -31.24 -12.09
CA LEU A 125 -18.04 -29.83 -11.68
C LEU A 125 -16.74 -29.42 -11.01
N THR A 126 -16.26 -30.25 -10.09
CA THR A 126 -15.01 -29.99 -9.39
C THR A 126 -13.82 -29.90 -10.38
N HIS A 127 -13.79 -30.80 -11.37
CA HIS A 127 -12.74 -30.78 -12.39
CA HIS A 127 -12.72 -30.78 -12.37
C HIS A 127 -12.82 -29.56 -13.29
N VAL A 128 -14.03 -29.05 -13.51
CA VAL A 128 -14.20 -27.80 -14.28
C VAL A 128 -13.46 -26.65 -13.58
N VAL A 129 -13.68 -26.50 -12.28
CA VAL A 129 -13.04 -25.44 -11.48
C VAL A 129 -11.51 -25.57 -11.53
N PHE A 130 -11.02 -26.77 -11.22
CA PHE A 130 -9.59 -27.11 -11.38
C PHE A 130 -9.03 -26.69 -12.75
N ASP A 131 -9.74 -27.07 -13.82
CA ASP A 131 -9.31 -26.82 -15.21
C ASP A 131 -9.12 -25.32 -15.49
N ILE A 132 -10.10 -24.50 -15.08
CA ILE A 132 -10.04 -23.05 -15.26
C ILE A 132 -8.90 -22.43 -14.45
N LEU A 133 -8.81 -22.78 -13.16
CA LEU A 133 -7.75 -22.28 -12.28
C LEU A 133 -6.37 -22.67 -12.80
N ARG A 134 -6.26 -23.89 -13.31
CA ARG A 134 -5.01 -24.37 -13.91
C ARG A 134 -4.65 -23.57 -15.17
N ASN A 135 -5.63 -23.36 -16.05
CA ASN A 135 -5.45 -22.55 -17.25
C ASN A 135 -5.05 -21.10 -16.94
N ALA A 136 -5.60 -20.57 -15.86
CA ALA A 136 -5.27 -19.23 -15.37
C ALA A 136 -3.89 -19.11 -14.73
N ARG A 137 -3.16 -20.23 -14.64
CA ARG A 137 -1.85 -20.33 -14.00
C ARG A 137 -1.85 -19.93 -12.51
N THR A 138 -2.92 -20.32 -11.81
CA THR A 138 -3.16 -20.01 -10.40
CA THR A 138 -3.01 -19.96 -10.40
C THR A 138 -2.59 -21.10 -9.47
N LEU A 139 -2.35 -22.27 -10.04
CA LEU A 139 -1.92 -23.44 -9.27
C LEU A 139 -0.42 -23.68 -9.33
N ARG A 140 0.24 -23.56 -8.19
CA ARG A 140 1.70 -23.59 -8.13
CA ARG A 140 1.69 -23.60 -8.13
C ARG A 140 2.18 -24.79 -7.29
N PRO A 141 2.62 -25.87 -7.96
CA PRO A 141 2.96 -27.12 -7.27
C PRO A 141 4.18 -27.08 -6.36
N GLN A 142 5.03 -26.07 -6.50
CA GLN A 142 6.23 -25.97 -5.68
C GLN A 142 6.14 -24.96 -4.53
N GLU A 143 4.92 -24.51 -4.23
CA GLU A 143 4.72 -23.61 -3.10
C GLU A 143 4.03 -24.32 -1.95
N GLU A 144 4.51 -24.09 -0.74
CA GLU A 144 3.86 -24.62 0.45
C GLU A 144 2.68 -23.71 0.80
N PRO A 145 1.70 -24.21 1.58
CA PRO A 145 0.49 -23.40 1.88
C PRO A 145 0.82 -21.98 2.31
N ASN A 146 0.22 -20.99 1.64
CA ASN A 146 0.38 -19.56 1.98
C ASN A 146 -0.81 -18.66 1.63
N MET A 147 -1.92 -19.24 1.19
CA MET A 147 -3.04 -18.44 0.67
C MET A 147 -4.16 -18.26 1.69
N VAL A 148 -4.38 -17.01 2.10
CA VAL A 148 -5.46 -16.70 3.02
C VAL A 148 -6.63 -16.08 2.26
N VAL A 149 -7.79 -16.72 2.32
CA VAL A 149 -9.02 -16.20 1.70
C VAL A 149 -9.69 -15.26 2.71
N CYS A 150 -10.03 -14.05 2.27
CA CYS A 150 -10.70 -13.05 3.12
C CYS A 150 -12.08 -12.74 2.56
N TRP A 151 -13.07 -12.87 3.43
CA TRP A 151 -14.44 -12.64 3.06
C TRP A 151 -14.97 -11.52 3.92
N GLY A 152 -15.86 -10.69 3.37
CA GLY A 152 -16.50 -9.64 4.16
C GLY A 152 -17.34 -8.66 3.36
N GLY A 153 -17.95 -7.70 4.05
CA GLY A 153 -18.97 -6.87 3.43
C GLY A 153 -18.41 -5.85 2.45
N HIS A 154 -19.19 -5.59 1.41
CA HIS A 154 -18.86 -4.55 0.43
C HIS A 154 -19.18 -3.16 0.99
N SER A 155 -20.11 -3.10 1.96
CA SER A 155 -20.56 -1.83 2.54
C SER A 155 -20.24 -1.82 4.02
N ILE A 156 -19.09 -1.24 4.37
CA ILE A 156 -18.62 -1.18 5.74
C ILE A 156 -18.18 0.25 6.09
N ASN A 157 -18.25 0.60 7.37
CA ASN A 157 -17.79 1.92 7.82
C ASN A 157 -16.27 2.02 7.90
N GLU A 158 -15.78 3.19 8.30
CA GLU A 158 -14.34 3.48 8.40
C GLU A 158 -13.60 2.61 9.44
N ILE A 159 -14.21 2.41 10.60
CA ILE A 159 -13.62 1.58 11.64
C ILE A 159 -13.43 0.14 11.15
N GLU A 160 -14.46 -0.40 10.52
CA GLU A 160 -14.39 -1.75 9.95
C GLU A 160 -13.40 -1.84 8.80
N TYR A 161 -13.39 -0.84 7.92
CA TYR A 161 -12.44 -0.81 6.78
C TYR A 161 -10.97 -0.77 7.25
N LYS A 162 -10.67 0.08 8.23
CA LYS A 162 -9.31 0.17 8.80
C LYS A 162 -8.85 -1.16 9.41
N TYR A 163 -9.76 -1.85 10.09
CA TYR A 163 -9.45 -3.14 10.69
C TYR A 163 -9.08 -4.17 9.62
N THR A 164 -9.79 -4.15 8.48
CA THR A 164 -9.46 -5.09 7.39
C THR A 164 -8.06 -4.84 6.84
N LYS A 165 -7.66 -3.57 6.74
CA LYS A 165 -6.33 -3.20 6.27
CA LYS A 165 -6.33 -3.21 6.28
C LYS A 165 -5.25 -3.61 7.28
N ASP A 166 -5.55 -3.41 8.57
CA ASP A 166 -4.63 -3.80 9.65
C ASP A 166 -4.38 -5.30 9.66
N VAL A 167 -5.45 -6.07 9.53
CA VAL A 167 -5.37 -7.52 9.40
C VAL A 167 -4.55 -7.94 8.18
N GLY A 168 -4.81 -7.29 7.03
CA GLY A 168 -4.07 -7.55 5.78
C GLY A 168 -2.58 -7.25 5.92
N TYR A 169 -2.27 -6.12 6.57
CA TYR A 169 -0.90 -5.76 6.94
C TYR A 169 -0.18 -6.86 7.70
N HIS A 170 -0.79 -7.34 8.78
CA HIS A 170 -0.18 -8.36 9.61
C HIS A 170 -0.03 -9.73 8.94
N ILE A 171 -1.00 -10.09 8.10
CA ILE A 171 -0.87 -11.29 7.27
C ILE A 171 0.29 -11.17 6.28
N GLY A 172 0.40 -10.00 5.64
CA GLY A 172 1.51 -9.66 4.73
C GLY A 172 2.89 -9.70 5.39
N LEU A 173 2.96 -9.28 6.65
CA LEU A 173 4.19 -9.39 7.48
C LEU A 173 4.60 -10.84 7.74
N ARG A 174 3.62 -11.74 7.79
CA ARG A 174 3.89 -13.17 7.96
C ARG A 174 4.22 -13.86 6.64
N GLY A 175 4.34 -13.09 5.56
CA GLY A 175 4.73 -13.60 4.25
C GLY A 175 3.63 -14.33 3.49
N LEU A 176 2.39 -14.13 3.88
CA LEU A 176 1.28 -14.88 3.29
C LEU A 176 0.57 -14.09 2.19
N ASN A 177 -0.14 -14.81 1.32
CA ASN A 177 -0.87 -14.21 0.20
C ASN A 177 -2.36 -14.01 0.53
N ILE A 178 -3.02 -13.14 -0.27
CA ILE A 178 -4.44 -12.76 -0.07
C ILE A 178 -5.29 -13.16 -1.27
N CYS A 179 -6.45 -13.77 -0.99
CA CYS A 179 -7.46 -14.04 -2.00
C CYS A 179 -8.78 -13.44 -1.57
N THR A 180 -9.41 -12.66 -2.44
CA THR A 180 -10.74 -12.12 -2.15
C THR A 180 -11.68 -12.33 -3.33
N GLY A 181 -12.95 -11.98 -3.14
CA GLY A 181 -13.92 -12.02 -4.22
C GLY A 181 -14.05 -10.78 -5.07
N CYS A 182 -13.05 -9.89 -5.01
CA CYS A 182 -13.07 -8.59 -5.71
C CYS A 182 -14.10 -7.62 -5.13
N GLY A 183 -14.05 -6.37 -5.54
CA GLY A 183 -15.01 -5.38 -5.05
C GLY A 183 -14.52 -4.61 -3.85
N PRO A 184 -15.32 -3.63 -3.40
CA PRO A 184 -14.88 -2.67 -2.38
C PRO A 184 -14.92 -3.23 -0.95
N GLY A 185 -14.77 -2.33 0.01
CA GLY A 185 -14.89 -2.67 1.44
C GLY A 185 -13.90 -3.69 1.94
N ALA A 186 -14.43 -4.73 2.58
CA ALA A 186 -13.61 -5.78 3.20
C ALA A 186 -12.94 -6.71 2.18
N MET A 187 -13.36 -6.60 0.93
CA MET A 187 -12.73 -7.36 -0.13
C MET A 187 -11.60 -6.55 -0.81
N LYS A 188 -11.38 -5.32 -0.34
CA LYS A 188 -10.33 -4.42 -0.83
C LYS A 188 -9.28 -4.11 0.24
N GLY A 189 -9.72 -3.82 1.46
CA GLY A 189 -8.84 -3.52 2.58
C GLY A 189 -7.65 -4.44 2.82
N PRO A 190 -7.89 -5.76 2.97
CA PRO A 190 -6.79 -6.70 3.21
C PRO A 190 -5.69 -6.66 2.15
N MET A 191 -6.04 -6.51 0.88
CA MET A 191 -5.06 -6.42 -0.23
CA MET A 191 -5.06 -6.43 -0.18
C MET A 191 -4.18 -5.19 -0.07
N LYS A 192 -4.78 -4.06 0.21
CA LYS A 192 -4.07 -2.80 0.42
C LYS A 192 -3.09 -2.90 1.58
N GLY A 193 -3.55 -3.47 2.71
CA GLY A 193 -2.70 -3.73 3.87
C GLY A 193 -1.53 -4.68 3.58
N ALA A 194 -1.83 -5.79 2.90
CA ALA A 194 -0.80 -6.79 2.54
C ALA A 194 0.32 -6.23 1.70
N THR A 195 -0.02 -5.31 0.80
CA THR A 195 0.95 -4.64 -0.09
C THR A 195 2.09 -4.03 0.74
N ILE A 196 1.71 -3.34 1.81
CA ILE A 196 2.65 -2.70 2.73
C ILE A 196 3.44 -3.73 3.54
N GLY A 197 2.76 -4.74 4.08
CA GLY A 197 3.40 -5.81 4.83
C GLY A 197 4.41 -6.56 3.97
N HIS A 198 4.02 -6.85 2.73
CA HIS A 198 4.92 -7.49 1.76
C HIS A 198 6.12 -6.62 1.42
N ALA A 199 5.90 -5.31 1.35
CA ALA A 199 6.96 -4.35 1.06
C ALA A 199 7.99 -4.32 2.18
N LYS A 200 7.53 -4.32 3.43
CA LYS A 200 8.47 -4.33 4.56
C LYS A 200 9.33 -5.60 4.58
N GLN A 201 8.75 -6.70 4.11
CA GLN A 201 9.39 -8.01 4.14
C GLN A 201 10.10 -8.37 2.83
N ARG A 202 10.13 -7.41 1.91
CA ARG A 202 10.73 -7.54 0.57
C ARG A 202 10.21 -8.76 -0.19
N VAL A 203 8.91 -9.02 -0.06
CA VAL A 203 8.29 -10.16 -0.73
C VAL A 203 8.27 -9.91 -2.23
N GLU A 204 8.93 -10.80 -2.97
N GLU A 204 8.92 -10.80 -2.98
CA GLU A 204 8.91 -10.81 -4.42
CA GLU A 204 9.15 -10.65 -4.42
C GLU A 204 7.78 -11.73 -4.88
C GLU A 204 7.88 -10.84 -5.26
N GLY A 205 6.99 -11.26 -5.83
N GLY A 205 7.33 -12.05 -5.24
CA GLY A 205 5.91 -12.05 -6.39
CA GLY A 205 6.14 -12.35 -6.01
C GLY A 205 4.77 -12.34 -5.45
C GLY A 205 4.90 -12.48 -5.16
N GLY A 206 4.43 -11.36 -4.60
CA GLY A 206 3.20 -11.37 -3.79
C GLY A 206 1.99 -11.61 -4.66
N ARG A 207 1.05 -12.43 -4.17
CA ARG A 207 -0.11 -12.85 -4.94
C ARG A 207 -1.37 -12.26 -4.35
N TYR A 208 -2.09 -11.48 -5.15
CA TYR A 208 -3.34 -10.86 -4.72
C TYR A 208 -4.38 -11.41 -5.68
N LEU A 209 -4.97 -12.54 -5.29
CA LEU A 209 -5.84 -13.34 -6.14
C LEU A 209 -7.30 -12.91 -6.01
N GLY A 210 -7.90 -12.51 -7.12
CA GLY A 210 -9.32 -12.15 -7.10
C GLY A 210 -10.12 -13.21 -7.81
N LEU A 211 -11.15 -13.75 -7.15
CA LEU A 211 -11.97 -14.77 -7.83
C LEU A 211 -13.33 -14.18 -8.06
N THR A 212 -13.80 -14.19 -9.30
CA THR A 212 -15.13 -13.64 -9.57
C THR A 212 -15.91 -14.49 -10.55
N GLU A 213 -17.06 -13.98 -10.99
CA GLU A 213 -17.91 -14.62 -12.00
C GLU A 213 -18.79 -13.54 -12.67
N PRO A 214 -19.30 -13.80 -13.87
CA PRO A 214 -20.02 -12.79 -14.67
C PRO A 214 -21.23 -12.13 -14.03
N GLY A 215 -21.95 -12.86 -13.17
CA GLY A 215 -23.11 -12.32 -12.47
C GLY A 215 -22.77 -11.28 -11.42
N ILE A 216 -21.69 -11.51 -10.68
CA ILE A 216 -21.34 -10.64 -9.56
C ILE A 216 -20.33 -9.53 -9.91
N ILE A 217 -19.68 -9.64 -11.07
CA ILE A 217 -18.50 -8.81 -11.40
C ILE A 217 -18.81 -7.31 -11.51
N ALA A 218 -19.99 -6.97 -12.00
CA ALA A 218 -20.37 -5.55 -12.14
C ALA A 218 -20.66 -4.93 -10.78
N ALA A 219 -21.23 -5.74 -9.89
CA ALA A 219 -21.53 -5.31 -8.52
C ALA A 219 -20.28 -5.27 -7.64
N GLU A 220 -19.36 -6.21 -7.86
CA GLU A 220 -18.09 -6.25 -7.14
C GLU A 220 -16.91 -6.25 -8.12
N PRO A 221 -16.66 -5.10 -8.76
CA PRO A 221 -15.65 -5.05 -9.83
C PRO A 221 -14.20 -5.07 -9.32
N PRO A 222 -13.30 -5.75 -10.06
CA PRO A 222 -11.89 -5.93 -9.70
C PRO A 222 -11.12 -4.62 -9.68
N ASN A 223 -10.39 -4.39 -8.59
CA ASN A 223 -9.45 -3.28 -8.45
C ASN A 223 -8.12 -3.76 -9.09
N PRO A 224 -7.39 -2.88 -9.82
CA PRO A 224 -6.10 -3.23 -10.45
C PRO A 224 -4.99 -3.64 -9.48
N ILE A 225 -5.26 -3.55 -8.17
CA ILE A 225 -4.37 -4.09 -7.13
C ILE A 225 -4.35 -5.64 -7.22
N VAL A 226 -5.48 -6.23 -7.64
CA VAL A 226 -5.55 -7.67 -7.96
C VAL A 226 -4.56 -7.92 -9.09
N ASN A 227 -3.63 -8.85 -8.88
CA ASN A 227 -2.63 -9.19 -9.90
C ASN A 227 -2.78 -10.58 -10.50
N GLU A 228 -3.78 -11.32 -10.01
CA GLU A 228 -4.23 -12.57 -10.60
C GLU A 228 -5.75 -12.66 -10.51
N LEU A 229 -6.44 -12.36 -11.62
CA LEU A 229 -7.89 -12.43 -11.68
C LEU A 229 -8.35 -13.74 -12.35
N VAL A 230 -9.31 -14.44 -11.74
CA VAL A 230 -9.95 -15.60 -12.37
C VAL A 230 -11.47 -15.43 -12.39
N ILE A 231 -12.05 -15.55 -13.58
CA ILE A 231 -13.50 -15.54 -13.71
CA ILE A 231 -13.51 -15.54 -13.76
C ILE A 231 -14.00 -16.98 -13.84
N LEU A 232 -14.76 -17.41 -12.84
CA LEU A 232 -15.37 -18.75 -12.82
C LEU A 232 -16.74 -18.64 -13.51
N PRO A 233 -17.30 -19.76 -14.00
CA PRO A 233 -18.59 -19.66 -14.73
C PRO A 233 -19.80 -19.14 -13.95
N ASP A 234 -19.88 -19.41 -12.66
CA ASP A 234 -21.09 -19.09 -11.88
C ASP A 234 -20.71 -18.93 -10.42
N ILE A 235 -21.67 -18.51 -9.60
CA ILE A 235 -21.33 -18.26 -8.20
C ILE A 235 -20.90 -19.53 -7.44
N GLU A 236 -21.53 -20.67 -7.75
CA GLU A 236 -21.23 -21.95 -7.10
C GLU A 236 -19.80 -22.42 -7.38
N LYS A 237 -19.33 -22.18 -8.59
CA LYS A 237 -17.97 -22.53 -8.97
C LYS A 237 -16.94 -21.55 -8.39
N ARG A 238 -17.27 -20.25 -8.36
CA ARG A 238 -16.49 -19.30 -7.56
C ARG A 238 -16.32 -19.75 -6.10
N LEU A 239 -17.43 -20.13 -5.46
CA LEU A 239 -17.39 -20.65 -4.10
C LEU A 239 -16.53 -21.91 -3.96
N GLU A 240 -16.62 -22.82 -4.92
CA GLU A 240 -15.76 -23.99 -4.89
C GLU A 240 -14.29 -23.60 -5.01
N ALA A 241 -13.98 -22.66 -5.91
CA ALA A 241 -12.63 -22.14 -6.08
C ALA A 241 -12.08 -21.59 -4.76
N PHE A 242 -12.85 -20.74 -4.07
CA PHE A 242 -12.49 -20.24 -2.76
C PHE A 242 -12.02 -21.35 -1.80
N VAL A 243 -12.86 -22.38 -1.65
CA VAL A 243 -12.62 -23.39 -0.63
C VAL A 243 -11.63 -24.49 -1.03
N ARG A 244 -11.42 -24.66 -2.32
CA ARG A 244 -10.39 -25.59 -2.76
C ARG A 244 -8.98 -24.98 -2.77
N CYS A 245 -8.88 -23.67 -3.04
CA CYS A 245 -7.62 -22.91 -3.02
C CYS A 245 -7.16 -22.43 -1.63
N ALA A 246 -8.10 -22.29 -0.69
CA ALA A 246 -7.78 -21.70 0.62
C ALA A 246 -6.79 -22.56 1.41
N HIS A 247 -5.95 -21.89 2.19
CA HIS A 247 -5.18 -22.53 3.24
C HIS A 247 -5.60 -21.97 4.59
N GLY A 248 -6.42 -20.93 4.56
CA GLY A 248 -6.98 -20.35 5.79
C GLY A 248 -8.05 -19.37 5.36
N ILE A 249 -9.03 -19.13 6.23
CA ILE A 249 -10.11 -18.21 5.88
C ILE A 249 -10.35 -17.20 7.00
N VAL A 250 -10.34 -15.91 6.65
CA VAL A 250 -10.64 -14.85 7.57
C VAL A 250 -11.97 -14.21 7.14
N ILE A 251 -12.91 -14.09 8.08
CA ILE A 251 -14.25 -13.62 7.75
C ILE A 251 -14.57 -12.40 8.59
N PHE A 252 -14.72 -11.28 7.91
CA PHE A 252 -15.04 -10.00 8.52
C PHE A 252 -16.57 -9.83 8.54
N PRO A 253 -17.10 -8.84 9.31
CA PRO A 253 -18.53 -8.55 9.16
C PRO A 253 -18.93 -8.24 7.73
N GLY A 254 -20.13 -8.66 7.36
CA GLY A 254 -20.67 -8.45 6.03
C GLY A 254 -22.17 -8.64 5.98
N GLY A 255 -22.71 -8.64 4.78
CA GLY A 255 -24.15 -8.80 4.57
C GLY A 255 -24.52 -10.17 4.04
N ALA A 256 -25.36 -10.17 3.01
CA ALA A 256 -25.90 -11.41 2.44
C ALA A 256 -24.88 -12.27 1.69
N GLY A 257 -23.95 -11.64 0.99
CA GLY A 257 -22.86 -12.34 0.29
C GLY A 257 -21.95 -13.09 1.23
N THR A 258 -21.58 -12.43 2.33
CA THR A 258 -20.67 -12.98 3.35
C THR A 258 -21.37 -14.09 4.15
N ALA A 259 -22.67 -13.92 4.36
CA ALA A 259 -23.48 -14.95 5.01
C ALA A 259 -23.61 -16.18 4.11
N GLU A 260 -23.81 -15.95 2.81
CA GLU A 260 -23.84 -17.04 1.82
C GLU A 260 -22.55 -17.85 1.88
N GLU A 261 -21.43 -17.14 1.90
CA GLU A 261 -20.10 -17.74 1.99
C GLU A 261 -19.90 -18.54 3.26
N LEU A 262 -20.31 -17.96 4.39
CA LEU A 262 -20.18 -18.62 5.69
C LEU A 262 -20.95 -19.94 5.73
N LEU A 263 -22.24 -19.91 5.36
CA LEU A 263 -23.08 -21.10 5.41
C LEU A 263 -22.62 -22.16 4.41
N TYR A 264 -22.12 -21.72 3.26
CA TYR A 264 -21.45 -22.61 2.30
C TYR A 264 -20.30 -23.37 2.96
N LEU A 265 -19.42 -22.61 3.61
CA LEU A 265 -18.26 -23.18 4.32
C LEU A 265 -18.66 -24.11 5.46
N LEU A 266 -19.54 -23.64 6.36
CA LEU A 266 -19.91 -24.48 7.52
C LEU A 266 -20.65 -25.72 7.05
N GLY A 267 -21.46 -25.56 5.99
CA GLY A 267 -22.22 -26.66 5.42
C GLY A 267 -21.34 -27.79 4.97
N ILE A 268 -20.28 -27.43 4.27
CA ILE A 268 -19.31 -28.39 3.73
C ILE A 268 -18.42 -28.97 4.83
N LEU A 269 -18.06 -28.14 5.82
CA LEU A 269 -17.17 -28.60 6.88
C LEU A 269 -17.82 -29.51 7.91
N MET A 270 -19.15 -29.50 7.96
CA MET A 270 -19.93 -30.40 8.81
CA MET A 270 -19.91 -30.41 8.82
C MET A 270 -19.92 -31.85 8.29
N HIS A 271 -19.56 -32.03 7.02
CA HIS A 271 -19.59 -33.35 6.39
C HIS A 271 -18.70 -34.33 7.15
N PRO A 272 -19.20 -35.55 7.43
CA PRO A 272 -18.40 -36.69 7.90
C PRO A 272 -17.02 -36.81 7.26
N ASP A 273 -16.95 -36.83 5.92
CA ASP A 273 -15.68 -36.90 5.19
C ASP A 273 -14.75 -35.69 5.39
N ASN A 274 -15.26 -34.61 5.99
CA ASN A 274 -14.47 -33.39 6.17
C ASN A 274 -13.98 -33.17 7.59
N GLN A 275 -14.28 -34.13 8.47
CA GLN A 275 -13.86 -34.03 9.87
C GLN A 275 -12.35 -34.15 10.01
N ARG A 276 -11.72 -34.80 9.03
CA ARG A 276 -10.27 -34.89 8.95
C ARG A 276 -9.58 -33.56 8.66
N GLN A 277 -10.33 -32.60 8.08
CA GLN A 277 -9.69 -31.41 7.50
C GLN A 277 -9.05 -30.51 8.53
N SER A 278 -7.91 -29.95 8.15
CA SER A 278 -7.30 -28.87 8.92
C SER A 278 -7.38 -27.64 8.03
N LEU A 279 -8.21 -26.70 8.47
CA LEU A 279 -8.41 -25.43 7.76
CA LEU A 279 -8.42 -25.44 7.75
C LEU A 279 -8.77 -24.38 8.80
N PRO A 280 -7.81 -23.49 9.10
CA PRO A 280 -8.15 -22.49 10.12
C PRO A 280 -9.17 -21.50 9.57
N VAL A 281 -10.22 -21.29 10.36
CA VAL A 281 -11.26 -20.32 10.04
C VAL A 281 -11.37 -19.37 11.21
N ILE A 282 -11.19 -18.07 10.92
CA ILE A 282 -11.23 -17.00 11.92
C ILE A 282 -12.30 -15.99 11.52
N LEU A 283 -13.24 -15.74 12.43
CA LEU A 283 -14.20 -14.65 12.29
C LEU A 283 -13.64 -13.48 13.06
N THR A 284 -13.52 -12.32 12.42
CA THR A 284 -12.85 -11.19 13.09
C THR A 284 -13.38 -9.81 12.73
N GLY A 285 -13.23 -8.88 13.65
CA GLY A 285 -13.66 -7.51 13.44
C GLY A 285 -13.15 -6.62 14.55
N PRO A 286 -13.37 -5.29 14.41
CA PRO A 286 -12.93 -4.35 15.44
C PRO A 286 -13.77 -4.48 16.71
N ALA A 287 -13.39 -3.76 17.77
CA ALA A 287 -14.12 -3.76 19.05
C ALA A 287 -15.63 -3.56 18.89
N SER A 288 -16.00 -2.66 17.98
CA SER A 288 -17.40 -2.34 17.71
C SER A 288 -18.19 -3.47 17.04
N SER A 289 -17.52 -4.53 16.61
CA SER A 289 -18.22 -5.63 15.95
C SER A 289 -18.61 -6.76 16.92
N ARG A 290 -18.30 -6.59 18.20
CA ARG A 290 -18.58 -7.64 19.18
C ARG A 290 -20.06 -8.05 19.18
N ASP A 291 -20.97 -7.08 19.09
CA ASP A 291 -22.42 -7.36 19.04
C ASP A 291 -22.80 -8.16 17.78
N TYR A 292 -22.26 -7.74 16.63
CA TYR A 292 -22.47 -8.42 15.36
C TYR A 292 -22.11 -9.90 15.46
N PHE A 293 -20.93 -10.18 16.02
CA PHE A 293 -20.46 -11.57 16.11
C PHE A 293 -21.19 -12.36 17.19
N GLU A 294 -21.60 -11.70 18.27
CA GLU A 294 -22.47 -12.34 19.25
C GLU A 294 -23.71 -12.86 18.57
N ALA A 295 -24.38 -11.98 17.80
CA ALA A 295 -25.64 -12.31 17.14
C ALA A 295 -25.46 -13.34 16.01
N LEU A 296 -24.34 -13.24 15.30
CA LEU A 296 -24.02 -14.17 14.21
C LEU A 296 -23.75 -15.58 14.72
N ASP A 297 -22.93 -15.67 15.76
CA ASP A 297 -22.60 -16.92 16.46
C ASP A 297 -23.88 -17.60 16.99
N GLU A 298 -24.76 -16.80 17.56
CA GLU A 298 -26.06 -17.28 18.06
C GLU A 298 -26.98 -17.78 16.94
N PHE A 299 -26.99 -17.07 15.80
CA PHE A 299 -27.73 -17.50 14.61
C PHE A 299 -27.28 -18.87 14.12
N ILE A 300 -25.96 -19.08 14.05
CA ILE A 300 -25.38 -20.34 13.59
C ILE A 300 -25.76 -21.47 14.55
N GLY A 301 -25.59 -21.24 15.85
CA GLY A 301 -25.91 -22.26 16.85
C GLY A 301 -27.37 -22.66 16.89
N ALA A 302 -28.25 -21.74 16.52
CA ALA A 302 -29.69 -21.99 16.57
C ALA A 302 -30.30 -22.40 15.22
N THR A 303 -29.47 -22.47 14.19
CA THR A 303 -29.92 -22.97 12.89
C THR A 303 -29.27 -24.31 12.60
N ILE A 304 -27.95 -24.32 12.48
CA ILE A 304 -27.22 -25.53 12.10
C ILE A 304 -26.50 -26.20 13.29
N GLY A 305 -26.63 -25.60 14.46
CA GLY A 305 -26.24 -26.27 15.71
C GLY A 305 -24.94 -25.81 16.33
N ASP A 306 -24.79 -26.08 17.63
CA ASP A 306 -23.60 -25.70 18.40
C ASP A 306 -22.34 -26.49 18.02
N GLU A 307 -22.52 -27.57 17.26
CA GLU A 307 -21.42 -28.34 16.66
C GLU A 307 -20.71 -27.47 15.62
N ALA A 308 -21.48 -26.83 14.76
CA ALA A 308 -20.98 -25.97 13.68
C ALA A 308 -20.19 -24.76 14.20
N ARG A 309 -20.57 -24.27 15.38
CA ARG A 309 -19.85 -23.18 16.06
C ARG A 309 -18.39 -23.50 16.37
N GLN A 310 -18.06 -24.79 16.48
CA GLN A 310 -16.71 -25.23 16.83
CA GLN A 310 -16.70 -25.20 16.83
C GLN A 310 -15.76 -25.22 15.63
N LEU A 311 -16.30 -24.91 14.45
CA LEU A 311 -15.50 -24.92 13.22
C LEU A 311 -14.66 -23.67 13.05
N TYR A 312 -14.93 -22.65 13.87
CA TYR A 312 -14.28 -21.36 13.74
C TYR A 312 -13.95 -20.77 15.11
N LYS A 313 -12.99 -19.85 15.11
CA LYS A 313 -12.64 -19.07 16.30
C LYS A 313 -12.94 -17.60 16.04
N ILE A 314 -13.56 -16.93 17.02
CA ILE A 314 -13.84 -15.51 16.91
C ILE A 314 -12.73 -14.71 17.59
N ILE A 315 -12.16 -13.75 16.86
CA ILE A 315 -11.15 -12.84 17.43
C ILE A 315 -11.63 -11.39 17.26
N ILE A 316 -11.83 -10.68 18.36
CA ILE A 316 -12.25 -9.28 18.30
C ILE A 316 -11.08 -8.36 18.66
N ASP A 317 -10.82 -7.38 17.80
CA ASP A 317 -9.87 -6.28 18.08
C ASP A 317 -8.43 -6.78 18.31
N ASP A 318 -7.92 -7.61 17.40
CA ASP A 318 -6.53 -8.10 17.52
C ASP A 318 -5.96 -8.60 16.18
N PRO A 319 -5.55 -7.67 15.29
CA PRO A 319 -5.03 -8.05 13.95
C PRO A 319 -3.80 -8.96 13.96
N ALA A 320 -2.85 -8.72 14.86
CA ALA A 320 -1.66 -9.58 15.02
C ALA A 320 -2.03 -11.01 15.42
N ALA A 321 -3.05 -11.15 16.29
CA ALA A 321 -3.54 -12.47 16.71
C ALA A 321 -4.16 -13.24 15.54
N VAL A 322 -4.92 -12.53 14.70
CA VAL A 322 -5.48 -13.12 13.46
C VAL A 322 -4.37 -13.65 12.54
N ALA A 323 -3.33 -12.84 12.33
CA ALA A 323 -2.20 -13.27 11.48
C ALA A 323 -1.40 -14.42 12.07
N GLN A 324 -1.23 -14.42 13.40
CA GLN A 324 -0.54 -15.52 14.08
C GLN A 324 -1.32 -16.82 13.94
N HIS A 325 -2.64 -16.75 14.14
CA HIS A 325 -3.53 -17.90 13.93
C HIS A 325 -3.50 -18.43 12.51
N MET A 326 -3.37 -17.53 11.52
CA MET A 326 -3.20 -17.96 10.12
C MET A 326 -1.82 -18.58 9.90
N HIS A 327 -0.78 -17.95 10.41
CA HIS A 327 0.58 -18.44 10.19
C HIS A 327 0.79 -19.84 10.78
N ALA A 328 0.37 -20.03 12.04
CA ALA A 328 0.36 -21.36 12.68
C ALA A 328 -0.51 -22.36 11.93
N GLY A 329 -1.64 -21.87 11.41
CA GLY A 329 -2.57 -22.65 10.59
C GLY A 329 -1.94 -23.26 9.35
N MET A 330 -1.05 -22.51 8.69
CA MET A 330 -0.37 -22.99 7.47
C MET A 330 0.44 -24.26 7.75
N ALA A 331 1.01 -24.35 8.96
CA ALA A 331 1.83 -25.48 9.36
C ALA A 331 0.97 -26.72 9.51
N ALA A 332 -0.21 -26.53 10.11
CA ALA A 332 -1.19 -27.61 10.24
C ALA A 332 -1.80 -28.00 8.89
N VAL A 333 -2.00 -27.01 8.02
CA VAL A 333 -2.54 -27.27 6.68
C VAL A 333 -1.53 -28.11 5.92
N LYS A 334 -0.27 -27.69 5.96
CA LYS A 334 0.83 -28.42 5.30
C LYS A 334 0.91 -29.87 5.78
N GLN A 335 0.87 -30.06 7.10
CA GLN A 335 0.90 -31.39 7.70
C GLN A 335 -0.31 -32.20 7.29
N TYR A 336 -1.52 -31.58 7.33
CA TYR A 336 -2.73 -32.27 6.86
C TYR A 336 -2.61 -32.79 5.42
N ARG A 337 -2.18 -31.93 4.50
CA ARG A 337 -2.12 -32.30 3.07
C ARG A 337 -1.10 -33.42 2.84
N ARG A 338 0.06 -33.30 3.50
CA ARG A 338 1.10 -34.32 3.47
C ARG A 338 0.59 -35.65 4.01
N ASP A 339 -0.03 -35.63 5.20
CA ASP A 339 -0.56 -36.85 5.85
C ASP A 339 -1.57 -37.57 4.96
N SER A 340 -2.37 -36.80 4.21
CA SER A 340 -3.45 -37.34 3.39
C SER A 340 -3.04 -37.67 1.95
N GLY A 341 -1.78 -37.40 1.60
CA GLY A 341 -1.34 -37.50 0.20
C GLY A 341 -2.02 -36.53 -0.76
N ASP A 342 -2.38 -35.35 -0.25
CA ASP A 342 -3.11 -34.33 -1.03
C ASP A 342 -2.15 -33.27 -1.59
N ALA A 343 -2.66 -32.41 -2.47
CA ALA A 343 -1.87 -31.33 -3.08
C ALA A 343 -1.86 -30.13 -2.15
N TYR A 344 -0.81 -29.31 -2.20
CA TYR A 344 -0.83 -28.06 -1.45
C TYR A 344 -1.69 -27.02 -2.16
N TYR A 345 -1.63 -27.02 -3.49
CA TYR A 345 -2.24 -26.00 -4.32
C TYR A 345 -3.76 -26.17 -4.52
N PHE A 346 -4.27 -27.37 -4.27
CA PHE A 346 -5.68 -27.66 -4.50
C PHE A 346 -6.13 -28.78 -3.58
N ASN A 347 -7.12 -28.48 -2.76
CA ASN A 347 -7.62 -29.40 -1.73
C ASN A 347 -8.52 -30.42 -2.41
N TRP A 348 -7.91 -31.49 -2.94
CA TRP A 348 -8.69 -32.54 -3.60
C TRP A 348 -9.49 -33.39 -2.62
N THR A 349 -9.00 -33.51 -1.37
CA THR A 349 -9.67 -34.39 -0.41
C THR A 349 -10.95 -33.80 0.15
N LEU A 350 -11.11 -32.46 0.12
CA LEU A 350 -12.35 -31.84 0.64
C LEU A 350 -13.55 -32.44 -0.08
N LYS A 351 -14.52 -32.93 0.68
CA LYS A 351 -15.77 -33.45 0.09
C LYS A 351 -16.83 -32.36 -0.05
N ILE A 352 -17.21 -32.06 -1.29
CA ILE A 352 -18.29 -31.10 -1.53
C ILE A 352 -19.51 -31.79 -2.19
N ASN A 353 -20.57 -31.94 -1.39
CA ASN A 353 -21.87 -32.50 -1.82
CA ASN A 353 -21.84 -32.51 -1.84
C ASN A 353 -22.46 -31.67 -2.97
N GLU A 354 -23.14 -32.34 -3.91
CA GLU A 354 -23.71 -31.66 -5.09
C GLU A 354 -24.75 -30.59 -4.75
N GLU A 355 -25.33 -30.66 -3.55
CA GLU A 355 -26.25 -29.61 -3.08
C GLU A 355 -25.54 -28.25 -2.92
N PHE A 356 -24.21 -28.26 -2.79
CA PHE A 356 -23.42 -27.03 -2.72
C PHE A 356 -22.88 -26.61 -4.08
N GLN A 357 -23.00 -27.49 -5.06
CA GLN A 357 -22.40 -27.28 -6.38
C GLN A 357 -23.42 -26.95 -7.46
N ARG A 358 -24.58 -27.61 -7.43
CA ARG A 358 -25.63 -27.42 -8.42
C ARG A 358 -26.02 -25.94 -8.53
N PRO A 359 -25.81 -25.34 -9.72
CA PRO A 359 -26.12 -23.91 -9.88
C PRO A 359 -27.59 -23.57 -9.59
N PHE A 360 -27.77 -22.59 -8.71
CA PHE A 360 -29.08 -22.22 -8.22
C PHE A 360 -29.54 -20.97 -8.96
N SER A 361 -30.61 -21.12 -9.72
CA SER A 361 -31.21 -19.99 -10.42
C SER A 361 -32.19 -19.31 -9.47
N PRO A 362 -31.95 -18.01 -9.16
CA PRO A 362 -32.78 -17.26 -8.20
C PRO A 362 -34.14 -16.88 -8.79
N THR A 363 -35.09 -17.82 -8.73
CA THR A 363 -36.47 -17.58 -9.16
C THR A 363 -37.38 -17.75 -7.95
N HIS A 364 -38.56 -17.12 -8.01
CA HIS A 364 -39.55 -17.24 -6.93
C HIS A 364 -39.88 -18.70 -6.65
N GLU A 365 -40.05 -19.47 -7.73
CA GLU A 365 -40.25 -20.92 -7.70
C GLU A 365 -39.22 -21.63 -6.84
N ASN A 366 -37.94 -21.38 -7.14
CA ASN A 366 -36.84 -22.06 -6.50
C ASN A 366 -36.59 -21.62 -5.06
N VAL A 367 -36.79 -20.34 -4.78
CA VAL A 367 -36.61 -19.79 -3.44
C VAL A 367 -37.69 -20.32 -2.50
N ALA A 368 -38.92 -20.40 -2.99
CA ALA A 368 -40.03 -20.89 -2.17
C ALA A 368 -39.97 -22.41 -1.88
N ALA A 369 -39.32 -23.14 -2.79
CA ALA A 369 -39.14 -24.59 -2.68
C ALA A 369 -38.00 -25.01 -1.75
N LEU A 370 -37.31 -24.04 -1.14
CA LEU A 370 -36.25 -24.31 -0.16
C LEU A 370 -36.85 -24.83 1.13
N ASN A 371 -36.15 -25.76 1.77
CA ASN A 371 -36.59 -26.38 3.02
C ASN A 371 -35.84 -25.81 4.20
N LEU A 372 -36.42 -24.76 4.77
CA LEU A 372 -35.82 -24.04 5.89
C LEU A 372 -36.52 -24.43 7.18
N HIS A 373 -36.17 -25.64 7.65
CA HIS A 373 -36.80 -26.30 8.78
C HIS A 373 -35.67 -26.92 9.62
N PRO A 374 -35.70 -26.76 10.96
CA PRO A 374 -34.61 -27.31 11.79
C PRO A 374 -34.54 -28.84 11.85
N ASP A 375 -35.59 -29.51 11.37
CA ASP A 375 -35.61 -30.98 11.29
C ASP A 375 -35.06 -31.52 9.97
N GLN A 376 -34.61 -30.62 9.08
CA GLN A 376 -33.75 -31.01 7.95
C GLN A 376 -32.40 -31.40 8.54
N PRO A 377 -31.73 -32.42 7.98
CA PRO A 377 -30.33 -32.68 8.35
C PRO A 377 -29.54 -31.40 8.15
N LYS A 378 -28.62 -31.13 9.08
CA LYS A 378 -27.97 -29.83 9.21
C LYS A 378 -27.16 -29.41 7.98
N GLU A 379 -26.54 -30.38 7.31
CA GLU A 379 -25.83 -30.12 6.05
C GLU A 379 -26.78 -29.64 4.95
N ARG A 380 -27.98 -30.23 4.90
CA ARG A 380 -28.98 -29.87 3.90
C ARG A 380 -29.62 -28.52 4.21
N LEU A 381 -29.83 -28.23 5.50
CA LEU A 381 -30.28 -26.92 5.92
C LEU A 381 -29.25 -25.84 5.58
N ALA A 382 -27.98 -26.12 5.82
CA ALA A 382 -26.91 -25.19 5.44
C ALA A 382 -26.92 -24.92 3.93
N ALA A 383 -27.09 -25.98 3.12
CA ALA A 383 -27.15 -25.82 1.67
C ALA A 383 -28.35 -25.01 1.18
N ASP A 384 -29.49 -25.14 1.86
CA ASP A 384 -30.67 -24.35 1.52
C ASP A 384 -30.61 -22.90 2.04
N LEU A 385 -29.98 -22.69 3.20
CA LEU A 385 -29.68 -21.34 3.67
C LEU A 385 -28.70 -20.62 2.74
N ARG A 386 -27.68 -21.34 2.26
CA ARG A 386 -26.74 -20.84 1.24
C ARG A 386 -27.52 -20.31 0.03
N ARG A 387 -28.47 -21.11 -0.44
CA ARG A 387 -29.31 -20.75 -1.58
C ARG A 387 -30.20 -19.53 -1.34
N ALA A 388 -30.77 -19.44 -0.14
CA ALA A 388 -31.60 -18.29 0.28
C ALA A 388 -30.80 -16.98 0.30
N PHE A 389 -29.63 -16.99 0.95
CA PHE A 389 -28.68 -15.86 0.89
C PHE A 389 -28.25 -15.51 -0.55
N SER A 390 -28.01 -16.53 -1.37
CA SER A 390 -27.65 -16.34 -2.77
CA SER A 390 -27.66 -16.35 -2.77
C SER A 390 -28.75 -15.60 -3.54
N ALA A 391 -30.01 -15.87 -3.17
CA ALA A 391 -31.17 -15.23 -3.80
C ALA A 391 -31.33 -13.75 -3.41
N ILE A 392 -30.97 -13.41 -2.18
CA ILE A 392 -31.00 -12.02 -1.72
C ILE A 392 -29.92 -11.23 -2.46
N VAL A 393 -28.72 -11.81 -2.59
CA VAL A 393 -27.62 -11.19 -3.32
C VAL A 393 -28.05 -10.87 -4.75
N ALA A 394 -28.58 -11.89 -5.42
CA ALA A 394 -29.02 -11.79 -6.80
C ALA A 394 -30.14 -10.77 -6.98
N GLY A 395 -31.13 -10.80 -6.08
CA GLY A 395 -32.22 -9.82 -6.10
C GLY A 395 -31.72 -8.39 -5.95
N ASN A 396 -30.72 -8.20 -5.09
CA ASN A 396 -30.15 -6.87 -4.81
C ASN A 396 -29.30 -6.33 -5.94
N VAL A 397 -28.40 -7.16 -6.46
CA VAL A 397 -27.29 -6.64 -7.28
C VAL A 397 -27.02 -7.31 -8.63
N LYS A 398 -27.66 -8.43 -8.92
CA LYS A 398 -27.43 -9.11 -10.19
CA LYS A 398 -27.45 -9.14 -10.19
C LYS A 398 -28.55 -8.79 -11.19
N ASP A 399 -28.15 -8.59 -12.44
CA ASP A 399 -29.05 -8.18 -13.54
C ASP A 399 -30.31 -9.05 -13.65
N GLU A 400 -30.12 -10.37 -13.75
CA GLU A 400 -31.24 -11.30 -13.92
C GLU A 400 -32.00 -11.58 -12.62
N GLY A 401 -31.37 -11.32 -11.48
CA GLY A 401 -32.05 -11.37 -10.19
C GLY A 401 -33.00 -10.19 -10.06
N ILE A 402 -32.55 -9.02 -10.50
CA ILE A 402 -33.35 -7.79 -10.56
C ILE A 402 -34.55 -7.94 -11.52
N ARG A 403 -34.35 -8.69 -12.61
CA ARG A 403 -35.43 -9.04 -13.57
C ARG A 403 -36.63 -9.69 -12.88
N GLN A 404 -36.37 -10.76 -12.12
CA GLN A 404 -37.40 -11.51 -11.38
C GLN A 404 -38.18 -10.62 -10.41
N ILE A 405 -37.48 -9.71 -9.73
CA ILE A 405 -38.10 -8.79 -8.76
C ILE A 405 -39.02 -7.77 -9.42
N ARG A 406 -38.61 -7.26 -10.58
CA ARG A 406 -39.43 -6.30 -11.32
C ARG A 406 -40.65 -6.96 -11.98
N LYS A 407 -40.52 -8.20 -12.41
CA LYS A 407 -41.63 -8.91 -13.06
C LYS A 407 -42.59 -9.65 -12.12
N ASN A 408 -42.12 -10.08 -10.94
CA ASN A 408 -42.93 -10.89 -10.01
C ASN A 408 -42.93 -10.40 -8.57
N GLY A 409 -42.34 -9.22 -8.33
CA GLY A 409 -42.24 -8.67 -6.97
C GLY A 409 -41.18 -9.38 -6.13
N VAL A 410 -41.20 -9.11 -4.84
CA VAL A 410 -40.23 -9.68 -3.91
C VAL A 410 -40.28 -11.21 -3.85
N PHE A 411 -39.11 -11.84 -3.64
CA PHE A 411 -39.05 -13.26 -3.29
C PHE A 411 -39.76 -13.46 -1.96
N THR A 412 -40.48 -14.57 -1.82
CA THR A 412 -40.97 -14.96 -0.50
C THR A 412 -40.14 -16.09 0.03
N ILE A 413 -39.64 -15.92 1.26
CA ILE A 413 -38.85 -16.93 1.93
C ILE A 413 -39.68 -17.51 3.07
N HIS A 414 -39.90 -18.82 3.04
CA HIS A 414 -40.67 -19.47 4.11
C HIS A 414 -40.08 -20.79 4.62
N GLY A 415 -40.53 -21.16 5.81
CA GLY A 415 -40.04 -22.33 6.51
C GLY A 415 -40.66 -22.38 7.88
N GLU A 416 -39.98 -23.05 8.81
CA GLU A 416 -40.49 -23.20 10.16
C GLU A 416 -40.47 -21.84 10.87
N GLN A 417 -41.57 -21.53 11.56
CA GLN A 417 -41.80 -20.24 12.23
C GLN A 417 -40.61 -19.67 13.03
N SER A 418 -40.02 -20.47 13.91
CA SER A 418 -38.95 -19.99 14.77
C SER A 418 -37.64 -19.74 14.01
N LEU A 419 -37.37 -20.55 12.98
CA LEU A 419 -36.21 -20.35 12.10
CA LEU A 419 -36.21 -20.32 12.13
C LEU A 419 -36.39 -19.08 11.26
N MET A 420 -37.61 -18.85 10.78
CA MET A 420 -37.91 -17.67 9.98
CA MET A 420 -37.90 -17.67 9.98
C MET A 420 -37.80 -16.39 10.81
N LYS A 421 -38.19 -16.47 12.07
CA LYS A 421 -38.07 -15.33 12.98
C LYS A 421 -36.61 -14.96 13.26
N ARG A 422 -35.73 -15.97 13.33
CA ARG A 422 -34.29 -15.73 13.48
C ARG A 422 -33.66 -15.16 12.22
N LEU A 423 -34.07 -15.69 11.07
CA LEU A 423 -33.62 -15.20 9.76
C LEU A 423 -34.06 -13.76 9.53
N ASP A 424 -35.32 -13.48 9.85
CA ASP A 424 -35.86 -12.11 9.79
C ASP A 424 -35.01 -11.15 10.61
N GLU A 425 -34.67 -11.56 11.85
CA GLU A 425 -33.84 -10.76 12.76
C GLU A 425 -32.43 -10.46 12.23
N LEU A 426 -31.82 -11.46 11.59
CA LEU A 426 -30.47 -11.34 11.07
C LEU A 426 -30.45 -10.38 9.89
N LEU A 427 -31.38 -10.59 8.95
CA LEU A 427 -31.52 -9.74 7.77
C LEU A 427 -31.87 -8.30 8.12
N ARG A 428 -32.71 -8.12 9.15
CA ARG A 428 -33.06 -6.78 9.66
CA ARG A 428 -33.04 -6.77 9.62
C ARG A 428 -31.81 -6.08 10.20
N ALA A 429 -30.95 -6.86 10.86
CA ALA A 429 -29.74 -6.32 11.43
C ALA A 429 -28.77 -5.92 10.32
N PHE A 430 -28.70 -6.72 9.25
CA PHE A 430 -27.89 -6.37 8.08
C PHE A 430 -28.39 -5.06 7.46
N VAL A 431 -29.71 -4.93 7.27
CA VAL A 431 -30.29 -3.70 6.70
C VAL A 431 -29.98 -2.48 7.59
N GLU A 432 -30.19 -2.64 8.89
CA GLU A 432 -30.00 -1.57 9.87
CA GLU A 432 -30.00 -1.57 9.87
C GLU A 432 -28.55 -1.09 9.94
N GLN A 433 -27.61 -2.02 9.87
CA GLN A 433 -26.19 -1.69 9.96
C GLN A 433 -25.61 -1.22 8.62
N GLY A 434 -26.47 -1.02 7.62
CA GLY A 434 -26.06 -0.50 6.31
C GLY A 434 -25.30 -1.48 5.43
N ARG A 435 -25.53 -2.78 5.65
CA ARG A 435 -24.72 -3.82 4.98
C ARG A 435 -25.31 -4.31 3.67
N MET A 436 -26.58 -4.03 3.44
CA MET A 436 -27.23 -4.53 2.24
C MET A 436 -26.95 -3.63 1.04
N LYS A 437 -26.55 -2.39 1.31
CA LYS A 437 -26.41 -1.40 0.24
C LYS A 437 -25.52 -0.25 0.70
N LEU A 438 -24.66 0.21 -0.19
CA LEU A 438 -23.80 1.39 0.04
C LEU A 438 -24.65 2.65 0.24
N PRO A 439 -24.19 3.60 1.08
CA PRO A 439 -24.94 4.84 1.34
C PRO A 439 -25.28 5.66 0.09
N GLY A 440 -26.31 6.50 0.20
CA GLY A 440 -26.79 7.28 -0.93
C GLY A 440 -28.29 7.20 -1.06
N SER A 441 -28.78 6.04 -1.52
CA SER A 441 -30.21 5.80 -1.67
C SER A 441 -30.76 4.79 -0.64
N VAL A 442 -32.09 4.68 -0.58
CA VAL A 442 -32.74 3.71 0.31
C VAL A 442 -32.59 2.28 -0.18
N TYR A 443 -32.42 1.35 0.76
CA TYR A 443 -32.44 -0.06 0.41
C TYR A 443 -33.88 -0.58 0.40
N ASN A 444 -34.28 -1.15 -0.73
CA ASN A 444 -35.57 -1.81 -0.86
C ASN A 444 -35.37 -3.31 -0.91
N PRO A 445 -35.75 -4.00 0.19
CA PRO A 445 -35.65 -5.46 0.33
C PRO A 445 -36.27 -6.19 -0.86
N CYS A 446 -35.52 -7.12 -1.45
CA CYS A 446 -35.99 -7.89 -2.60
C CYS A 446 -36.62 -9.19 -2.10
N TYR A 447 -36.85 -9.28 -0.80
CA TYR A 447 -37.32 -10.48 -0.15
C TYR A 447 -38.38 -10.07 0.88
N LYS A 448 -39.18 -11.04 1.30
CA LYS A 448 -40.00 -10.91 2.50
C LYS A 448 -39.96 -12.26 3.20
N VAL A 449 -39.53 -12.26 4.46
CA VAL A 449 -39.49 -13.49 5.23
C VAL A 449 -40.90 -13.75 5.78
N ILE A 450 -41.48 -14.90 5.44
CA ILE A 450 -42.81 -15.28 5.92
C ILE A 450 -42.69 -15.88 7.33
N THR A 451 -42.96 -15.04 8.33
CA THR A 451 -42.90 -15.46 9.74
C THR A 451 -44.26 -15.94 10.24
N SER B 2 18.94 -10.91 25.17
CA SER B 2 18.52 -11.63 23.94
C SER B 2 19.55 -11.35 22.86
N LEU B 3 19.60 -12.22 21.88
CA LEU B 3 20.59 -12.14 20.83
C LEU B 3 19.93 -12.47 19.51
N ALA B 4 19.99 -11.54 18.56
CA ALA B 4 19.68 -11.82 17.16
C ALA B 4 20.98 -11.79 16.38
N SER B 5 21.36 -12.95 15.87
CA SER B 5 22.60 -13.14 15.13
C SER B 5 22.24 -13.19 13.65
N ILE B 6 22.45 -12.05 12.98
CA ILE B 6 21.99 -11.83 11.62
C ILE B 6 23.14 -12.07 10.62
N SER B 7 22.90 -12.96 9.64
CA SER B 7 23.80 -13.11 8.50
C SER B 7 23.51 -12.06 7.40
N PRO B 8 24.45 -11.11 7.20
CA PRO B 8 24.27 -10.08 6.18
C PRO B 8 24.37 -10.69 4.79
N GLN B 9 23.59 -10.16 3.87
CA GLN B 9 23.55 -10.68 2.49
C GLN B 9 24.49 -9.93 1.54
N GLY B 10 24.87 -8.72 1.94
CA GLY B 10 25.72 -7.84 1.11
C GLY B 10 27.19 -7.90 1.45
N SER B 11 27.88 -6.77 1.29
CA SER B 11 29.34 -6.67 1.43
CA SER B 11 29.34 -6.68 1.43
C SER B 11 29.88 -6.99 2.82
N MET B 12 29.04 -6.80 3.86
CA MET B 12 29.42 -7.10 5.24
CA MET B 12 29.42 -7.09 5.24
C MET B 12 29.85 -8.55 5.41
N SER B 13 29.27 -9.43 4.61
CA SER B 13 29.59 -10.85 4.64
C SER B 13 31.03 -11.12 4.18
N LEU B 14 31.69 -10.10 3.60
CA LEU B 14 33.06 -10.23 3.08
C LEU B 14 34.10 -9.39 3.83
N LEU B 15 33.79 -9.04 5.08
CA LEU B 15 34.75 -8.38 5.95
C LEU B 15 35.76 -9.40 6.46
N SER B 16 37.03 -9.02 6.48
CA SER B 16 38.05 -9.92 7.00
C SER B 16 38.12 -9.77 8.51
N GLN B 17 38.77 -10.73 9.17
CA GLN B 17 39.02 -10.67 10.60
C GLN B 17 39.84 -9.42 10.95
N LEU B 18 40.82 -9.09 10.10
CA LEU B 18 41.61 -7.87 10.25
C LEU B 18 40.74 -6.60 10.23
N GLU B 19 39.82 -6.53 9.28
CA GLU B 19 38.91 -5.39 9.18
C GLU B 19 37.99 -5.25 10.40
N ILE B 20 37.51 -6.39 10.91
CA ILE B 20 36.68 -6.42 12.13
C ILE B 20 37.49 -6.00 13.36
N GLU B 21 38.72 -6.48 13.47
CA GLU B 21 39.60 -6.07 14.56
C GLU B 21 39.92 -4.57 14.48
N ARG B 22 40.10 -4.06 13.26
CA ARG B 22 40.33 -2.64 13.05
C ARG B 22 39.13 -1.82 13.51
N LEU B 23 37.91 -2.27 13.17
CA LEU B 23 36.68 -1.56 13.57
C LEU B 23 36.43 -1.60 15.07
N LYS B 24 36.86 -2.69 15.71
CA LYS B 24 36.60 -2.89 17.13
C LYS B 24 37.67 -2.28 18.02
N ALA B 25 38.74 -1.75 17.42
CA ALA B 25 39.80 -1.11 18.18
C ALA B 25 39.24 0.08 18.96
N SER B 26 39.73 0.30 20.18
CA SER B 26 39.22 1.39 21.02
CA SER B 26 39.26 1.39 21.05
C SER B 26 39.47 2.76 20.40
N SER B 27 40.48 2.87 19.55
CA SER B 27 40.71 4.08 18.75
C SER B 27 39.61 4.34 17.70
N ASN B 28 38.86 3.30 17.35
CA ASN B 28 37.75 3.41 16.39
C ASN B 28 36.37 3.40 17.02
N SER B 29 36.30 3.64 18.34
CA SER B 29 35.03 3.51 19.04
CA SER B 29 35.05 3.55 19.10
C SER B 29 33.99 4.56 18.67
N GLN B 30 34.43 5.76 18.29
CA GLN B 30 33.51 6.81 17.81
C GLN B 30 32.72 6.35 16.57
N LEU B 31 33.43 5.74 15.62
CA LEU B 31 32.81 5.20 14.42
C LEU B 31 31.93 3.98 14.69
N TYR B 32 32.40 3.08 15.55
CA TYR B 32 31.64 1.89 15.92
C TYR B 32 30.37 2.28 16.70
N LYS B 33 30.47 3.27 17.58
CA LYS B 33 29.34 3.78 18.36
CA LYS B 33 29.31 3.73 18.35
C LYS B 33 28.29 4.46 17.48
N LEU B 34 28.78 5.19 16.47
CA LEU B 34 27.91 5.84 15.49
C LEU B 34 27.05 4.81 14.77
N PHE B 35 27.70 3.73 14.31
CA PHE B 35 26.99 2.55 13.78
C PHE B 35 25.92 2.02 14.75
N ARG B 36 26.32 1.76 15.99
CA ARG B 36 25.38 1.24 17.02
C ARG B 36 24.16 2.13 17.14
N ASN B 37 24.41 3.44 17.19
CA ASN B 37 23.36 4.44 17.38
C ASN B 37 22.40 4.52 16.21
N CYS B 38 22.94 4.39 15.00
CA CYS B 38 22.12 4.41 13.79
C CYS B 38 21.30 3.12 13.64
N CYS B 39 21.89 1.98 13.99
CA CYS B 39 21.16 0.72 14.05
C CYS B 39 19.96 0.80 14.99
N LEU B 40 20.15 1.35 16.19
CA LEU B 40 19.06 1.52 17.14
C LEU B 40 17.90 2.35 16.56
N ALA B 41 18.23 3.47 15.91
CA ALA B 41 17.22 4.35 15.28
C ALA B 41 16.32 3.63 14.27
N VAL B 42 16.95 2.85 13.41
CA VAL B 42 16.29 2.02 12.42
C VAL B 42 15.45 0.89 13.05
N LEU B 43 16.01 0.23 14.07
CA LEU B 43 15.30 -0.88 14.74
C LEU B 43 14.10 -0.39 15.56
N ASN B 44 14.19 0.83 16.07
CA ASN B 44 13.12 1.42 16.90
C ASN B 44 12.14 2.36 16.18
N ALA B 45 12.03 2.22 14.86
CA ALA B 45 11.16 3.11 14.08
C ALA B 45 9.67 2.98 14.45
N GLY B 46 9.28 1.80 14.95
CA GLY B 46 7.95 1.58 15.53
C GLY B 46 7.67 2.46 16.76
N SER B 51 13.05 13.07 22.00
CA SER B 51 13.17 12.34 20.74
C SER B 51 14.50 11.59 20.61
N SER B 52 15.57 12.21 21.10
CA SER B 52 16.87 11.54 21.22
C SER B 52 17.30 11.51 22.67
N ALA B 53 16.78 12.45 23.45
CA ALA B 53 17.08 12.56 24.88
C ALA B 53 16.41 11.47 25.73
N ASP B 54 15.35 10.85 25.21
CA ASP B 54 14.70 9.76 25.92
C ASP B 54 14.74 8.39 25.24
N ILE B 55 14.91 8.33 23.92
CA ILE B 55 14.98 7.03 23.23
C ILE B 55 16.36 6.35 23.32
N TYR B 56 17.43 7.15 23.43
CA TYR B 56 18.77 6.63 23.71
C TYR B 56 18.90 6.21 25.17
N ASP B 57 18.10 6.84 26.04
CA ASP B 57 18.04 6.48 27.47
C ASP B 57 17.11 5.29 27.76
N SER B 58 16.27 4.93 26.79
CA SER B 58 15.31 3.83 26.97
C SER B 58 15.87 2.46 26.59
N TYR B 59 16.74 2.44 25.57
CA TYR B 59 17.39 1.21 25.15
C TYR B 59 18.88 1.26 25.42
N LYS B 60 19.23 1.63 26.65
CA LYS B 60 20.62 1.76 27.08
C LYS B 60 21.38 0.44 26.97
N ASP B 61 20.67 -0.67 27.11
CA ASP B 61 21.24 -2.02 27.07
C ASP B 61 21.43 -2.58 25.65
N PHE B 62 20.99 -1.85 24.63
CA PHE B 62 21.17 -2.28 23.23
C PHE B 62 22.61 -2.14 22.77
N GLU B 63 23.14 -3.19 22.13
CA GLU B 63 24.50 -3.14 21.60
C GLU B 63 24.61 -3.94 20.30
N VAL B 64 25.58 -3.59 19.46
CA VAL B 64 25.92 -4.41 18.29
C VAL B 64 27.28 -5.12 18.48
N ASN B 65 27.45 -6.24 17.77
CA ASN B 65 28.71 -6.95 17.76
C ASN B 65 28.89 -7.63 16.40
N ILE B 66 29.73 -7.06 15.56
CA ILE B 66 30.06 -7.68 14.27
C ILE B 66 31.17 -8.68 14.57
N ILE B 67 30.92 -9.95 14.26
CA ILE B 67 31.82 -11.03 14.68
CA ILE B 67 31.82 -11.03 14.68
C ILE B 67 31.94 -12.13 13.61
N ARG B 68 33.18 -12.60 13.40
CA ARG B 68 33.41 -13.69 12.46
C ARG B 68 33.15 -15.02 13.17
N ARG B 69 32.12 -15.72 12.73
CA ARG B 69 31.78 -17.05 13.26
C ARG B 69 32.30 -18.07 12.25
N GLU B 70 32.23 -19.36 12.57
CA GLU B 70 32.70 -20.42 11.65
C GLU B 70 31.90 -20.46 10.35
N ARG B 71 30.60 -20.17 10.46
CA ARG B 71 29.70 -20.18 9.30
C ARG B 71 29.72 -18.87 8.52
N GLY B 72 30.42 -17.86 9.05
CA GLY B 72 30.53 -16.56 8.38
C GLY B 72 30.38 -15.37 9.32
N ILE B 73 30.46 -14.15 8.76
CA ILE B 73 30.34 -12.93 9.54
C ILE B 73 28.90 -12.79 10.02
N LYS B 74 28.73 -12.43 11.29
CA LYS B 74 27.42 -12.16 11.85
CA LYS B 74 27.41 -12.15 11.83
C LYS B 74 27.34 -10.74 12.40
N LEU B 75 26.17 -10.12 12.25
CA LEU B 75 25.82 -8.89 12.96
C LEU B 75 24.92 -9.31 14.13
N GLU B 76 25.50 -9.33 15.32
CA GLU B 76 24.77 -9.66 16.52
C GLU B 76 24.10 -8.41 17.02
N LEU B 77 22.82 -8.51 17.29
CA LEU B 77 22.06 -7.44 17.93
C LEU B 77 21.70 -7.93 19.33
N ILE B 78 22.03 -7.13 20.33
CA ILE B 78 21.88 -7.50 21.74
C ILE B 78 20.79 -6.61 22.31
N GLU B 79 19.77 -7.22 22.89
CA GLU B 79 18.57 -6.53 23.40
C GLU B 79 17.93 -5.51 22.41
N PRO B 80 17.66 -5.94 21.15
CA PRO B 80 17.09 -4.95 20.22
C PRO B 80 15.60 -4.70 20.49
N PRO B 81 15.04 -3.56 20.00
CA PRO B 81 13.56 -3.40 19.98
C PRO B 81 12.86 -4.63 19.38
N GLU B 82 11.86 -5.16 20.08
CA GLU B 82 11.19 -6.37 19.64
C GLU B 82 10.24 -6.13 18.46
N GLU B 83 9.89 -4.86 18.24
CA GLU B 83 9.06 -4.40 17.11
C GLU B 83 9.71 -4.62 15.74
N ALA B 84 11.03 -4.85 15.73
CA ALA B 84 11.77 -5.10 14.49
C ALA B 84 11.70 -6.54 13.99
N PHE B 85 11.00 -7.39 14.74
CA PHE B 85 11.03 -8.83 14.56
C PHE B 85 9.63 -9.41 14.43
N VAL B 86 9.53 -10.46 13.63
CA VAL B 86 8.29 -11.22 13.46
CA VAL B 86 8.28 -11.21 13.52
C VAL B 86 8.62 -12.67 13.78
N ASP B 87 8.12 -13.17 14.92
N ASP B 87 7.99 -13.19 14.83
CA ASP B 87 8.52 -14.49 15.47
CA ASP B 87 8.54 -14.25 15.70
C ASP B 87 10.04 -14.66 15.61
C ASP B 87 9.81 -13.67 16.30
N GLY B 88 10.70 -13.64 16.16
N GLY B 88 10.93 -14.30 16.00
CA GLY B 88 12.14 -13.68 16.38
CA GLY B 88 12.23 -13.77 16.36
C GLY B 88 13.00 -13.73 15.12
C GLY B 88 13.08 -13.61 15.13
N GLU B 89 12.45 -13.25 14.01
CA GLU B 89 13.15 -13.12 12.74
C GLU B 89 13.02 -11.65 12.35
N VAL B 90 14.14 -10.99 12.15
CA VAL B 90 14.13 -9.56 11.81
C VAL B 90 13.38 -9.34 10.50
N ILE B 91 12.57 -8.29 10.46
CA ILE B 91 11.87 -7.88 9.22
C ILE B 91 12.95 -7.66 8.14
N VAL B 92 12.75 -8.25 6.96
CA VAL B 92 13.78 -8.25 5.91
C VAL B 92 14.21 -6.84 5.48
N GLY B 93 13.25 -5.94 5.30
CA GLY B 93 13.56 -4.53 5.02
C GLY B 93 14.44 -3.88 6.07
N ILE B 94 14.22 -4.22 7.33
CA ILE B 94 15.05 -3.70 8.42
C ILE B 94 16.48 -4.23 8.29
N ARG B 95 16.63 -5.52 8.03
CA ARG B 95 17.97 -6.07 7.76
C ARG B 95 18.69 -5.29 6.66
N GLU B 96 18.02 -5.05 5.53
CA GLU B 96 18.61 -4.30 4.41
C GLU B 96 19.04 -2.89 4.83
N LEU B 97 18.23 -2.25 5.66
CA LEU B 97 18.53 -0.90 6.15
C LEU B 97 19.75 -0.89 7.08
N LEU B 98 19.89 -1.93 7.91
CA LEU B 98 21.05 -2.07 8.78
C LEU B 98 22.34 -2.21 7.97
N GLU B 99 22.31 -3.04 6.93
CA GLU B 99 23.48 -3.19 6.05
C GLU B 99 23.84 -1.88 5.34
N SER B 100 22.81 -1.14 4.92
CA SER B 100 22.94 0.20 4.33
C SER B 100 23.65 1.14 5.29
N VAL B 101 23.21 1.14 6.55
CA VAL B 101 23.81 1.93 7.63
C VAL B 101 25.33 1.68 7.75
N LEU B 102 25.74 0.42 7.91
CA LEU B 102 27.17 0.10 7.98
C LEU B 102 27.94 0.60 6.73
N ARG B 103 27.38 0.34 5.55
CA ARG B 103 27.98 0.75 4.27
C ARG B 103 28.36 2.22 4.26
N ASP B 104 27.41 3.09 4.62
CA ASP B 104 27.61 4.55 4.62
C ASP B 104 28.56 5.04 5.72
N ILE B 105 28.41 4.50 6.91
CA ILE B 105 29.29 4.86 8.03
C ILE B 105 30.75 4.50 7.76
N LEU B 106 30.99 3.29 7.29
CA LEU B 106 32.35 2.86 6.97
C LEU B 106 32.95 3.59 5.77
N PHE B 107 32.14 3.83 4.74
CA PHE B 107 32.63 4.53 3.56
C PHE B 107 33.09 5.95 3.89
N THR B 108 32.23 6.70 4.58
CA THR B 108 32.56 8.07 4.98
C THR B 108 33.70 8.08 6.00
N GLY B 109 33.66 7.15 6.97
CA GLY B 109 34.68 7.06 8.01
C GLY B 109 36.09 6.72 7.54
N GLU B 110 36.19 6.01 6.42
CA GLU B 110 37.49 5.59 5.90
C GLU B 110 38.09 6.58 4.89
N ARG B 111 37.25 7.44 4.33
CA ARG B 111 37.67 8.34 3.26
C ARG B 111 37.79 9.78 3.69
N TYR B 112 36.95 10.18 4.66
CA TYR B 112 36.89 11.59 5.00
C TYR B 112 37.09 11.80 6.48
N SER B 113 38.00 12.71 6.82
CA SER B 113 38.21 13.13 8.20
C SER B 113 37.14 14.16 8.55
N GLU B 114 36.93 14.43 9.83
CA GLU B 114 35.97 15.48 10.23
C GLU B 114 36.42 16.87 9.73
N THR B 115 37.73 17.06 9.57
CA THR B 115 38.26 18.29 8.99
C THR B 115 37.83 18.44 7.51
N ASP B 116 37.96 17.37 6.72
CA ASP B 116 37.41 17.36 5.35
C ASP B 116 35.94 17.78 5.34
N LEU B 117 35.15 17.15 6.20
CA LEU B 117 33.69 17.29 6.14
C LEU B 117 33.20 18.64 6.63
N GLU B 118 33.95 19.27 7.53
CA GLU B 118 33.56 20.57 8.09
C GLU B 118 34.17 21.76 7.36
N HIS B 119 35.42 21.60 6.90
CA HIS B 119 36.21 22.75 6.47
C HIS B 119 36.69 22.75 5.00
N ALA B 120 36.28 21.77 4.21
CA ALA B 120 36.64 21.77 2.78
C ALA B 120 35.94 22.89 2.00
N ASP B 121 36.43 23.19 0.80
CA ASP B 121 35.79 24.20 -0.07
C ASP B 121 34.44 23.72 -0.63
N SER B 122 33.71 24.63 -1.27
CA SER B 122 32.39 24.31 -1.83
C SER B 122 32.41 23.13 -2.81
N ALA B 123 33.35 23.14 -3.75
CA ALA B 123 33.46 22.07 -4.75
C ALA B 123 33.73 20.70 -4.11
N THR B 124 34.55 20.70 -3.06
CA THR B 124 34.92 19.46 -2.39
C THR B 124 33.72 18.92 -1.62
N LEU B 125 32.97 19.79 -0.94
CA LEU B 125 31.79 19.34 -0.20
C LEU B 125 30.69 18.75 -1.08
N THR B 126 30.59 19.23 -2.33
CA THR B 126 29.65 18.69 -3.31
C THR B 126 30.12 17.33 -3.81
N HIS B 127 31.43 17.19 -4.02
CA HIS B 127 32.02 15.93 -4.44
CA HIS B 127 31.98 15.91 -4.47
C HIS B 127 31.85 14.86 -3.38
N VAL B 128 31.94 15.26 -2.11
CA VAL B 128 31.70 14.35 -0.96
C VAL B 128 30.27 13.79 -1.00
N VAL B 129 29.29 14.68 -1.22
CA VAL B 129 27.89 14.29 -1.37
C VAL B 129 27.70 13.31 -2.52
N PHE B 130 28.33 13.61 -3.65
CA PHE B 130 28.30 12.76 -4.85
C PHE B 130 28.91 11.38 -4.61
N ASP B 131 30.09 11.36 -3.98
CA ASP B 131 30.85 10.14 -3.67
C ASP B 131 30.05 9.15 -2.79
N ILE B 132 29.35 9.69 -1.79
CA ILE B 132 28.53 8.90 -0.85
C ILE B 132 27.28 8.34 -1.52
N LEU B 133 26.58 9.19 -2.27
CA LEU B 133 25.47 8.75 -3.12
C LEU B 133 25.88 7.66 -4.12
N ARG B 134 27.04 7.87 -4.77
CA ARG B 134 27.54 6.93 -5.78
C ARG B 134 27.87 5.56 -5.19
N ASN B 135 28.56 5.56 -4.06
CA ASN B 135 28.85 4.34 -3.30
C ASN B 135 27.57 3.65 -2.80
N ALA B 136 26.53 4.42 -2.49
CA ALA B 136 25.22 3.87 -2.11
C ALA B 136 24.40 3.29 -3.27
N ARG B 137 24.93 3.41 -4.49
CA ARG B 137 24.27 2.98 -5.73
C ARG B 137 22.93 3.71 -5.98
N THR B 138 22.83 4.94 -5.46
CA THR B 138 21.67 5.82 -5.63
C THR B 138 21.61 6.39 -7.04
N LEU B 139 22.76 6.52 -7.70
CA LEU B 139 22.81 7.24 -8.97
C LEU B 139 22.75 6.31 -10.17
N ARG B 140 21.69 6.43 -10.96
CA ARG B 140 21.49 5.55 -12.10
CA ARG B 140 21.46 5.55 -12.10
C ARG B 140 21.48 6.30 -13.44
N PRO B 141 22.58 6.20 -14.20
CA PRO B 141 22.72 6.95 -15.45
C PRO B 141 21.87 6.44 -16.62
N GLN B 142 21.20 5.30 -16.46
CA GLN B 142 20.27 4.84 -17.50
C GLN B 142 18.80 5.20 -17.22
N GLU B 143 18.57 6.14 -16.29
CA GLU B 143 17.22 6.60 -16.01
C GLU B 143 17.03 8.08 -16.34
N GLU B 144 15.88 8.39 -16.94
CA GLU B 144 15.48 9.76 -17.23
C GLU B 144 14.83 10.31 -15.96
N PRO B 145 14.73 11.66 -15.81
CA PRO B 145 14.20 12.23 -14.55
C PRO B 145 12.89 11.56 -14.08
N ASN B 146 12.80 11.27 -12.77
CA ASN B 146 11.77 10.39 -12.21
C ASN B 146 11.58 10.54 -10.69
N MET B 147 12.45 11.32 -10.03
CA MET B 147 12.49 11.40 -8.57
C MET B 147 11.81 12.66 -8.04
N VAL B 148 10.72 12.47 -7.31
CA VAL B 148 10.02 13.56 -6.62
C VAL B 148 10.40 13.57 -5.14
N VAL B 149 11.07 14.63 -4.70
CA VAL B 149 11.39 14.83 -3.30
C VAL B 149 10.15 15.37 -2.60
N CYS B 150 9.72 14.68 -1.54
CA CYS B 150 8.60 15.15 -0.70
C CYS B 150 9.07 15.61 0.67
N TRP B 151 8.66 16.83 1.03
CA TRP B 151 8.99 17.43 2.32
C TRP B 151 7.70 17.74 3.06
N GLY B 152 7.73 17.66 4.39
CA GLY B 152 6.55 18.05 5.16
C GLY B 152 6.68 17.70 6.63
N GLY B 153 5.65 18.02 7.41
CA GLY B 153 5.69 17.87 8.86
C GLY B 153 5.76 16.44 9.37
N HIS B 154 6.55 16.22 10.41
CA HIS B 154 6.57 14.93 11.10
C HIS B 154 5.30 14.70 11.91
N SER B 155 4.68 15.80 12.36
CA SER B 155 3.53 15.76 13.25
C SER B 155 2.35 16.49 12.62
N ILE B 156 1.45 15.71 12.01
CA ILE B 156 0.34 16.26 11.23
C ILE B 156 -0.95 15.49 11.55
N ASN B 157 -2.10 16.12 11.38
CA ASN B 157 -3.37 15.46 11.63
C ASN B 157 -3.81 14.46 10.55
N GLU B 158 -4.93 13.79 10.80
CA GLU B 158 -5.45 12.74 9.92
C GLU B 158 -5.80 13.27 8.52
N ILE B 159 -6.37 14.48 8.44
CA ILE B 159 -6.73 15.09 7.16
C ILE B 159 -5.48 15.37 6.31
N GLU B 160 -4.50 16.01 6.92
CA GLU B 160 -3.22 16.28 6.29
C GLU B 160 -2.50 15.00 5.85
N TYR B 161 -2.47 14.01 6.75
CA TYR B 161 -1.85 12.72 6.44
C TYR B 161 -2.48 11.97 5.26
N LYS B 162 -3.81 11.89 5.25
CA LYS B 162 -4.54 11.28 4.15
CA LYS B 162 -4.54 11.28 4.15
C LYS B 162 -4.21 11.98 2.84
N TYR B 163 -4.12 13.31 2.89
CA TYR B 163 -3.79 14.12 1.72
C TYR B 163 -2.43 13.75 1.15
N THR B 164 -1.42 13.56 2.01
CA THR B 164 -0.09 13.13 1.56
C THR B 164 -0.10 11.75 0.88
N LYS B 165 -0.91 10.84 1.41
CA LYS B 165 -1.06 9.50 0.81
C LYS B 165 -1.70 9.58 -0.57
N ASP B 166 -2.71 10.43 -0.70
CA ASP B 166 -3.39 10.65 -1.99
C ASP B 166 -2.46 11.25 -3.04
N VAL B 167 -1.68 12.26 -2.64
CA VAL B 167 -0.67 12.84 -3.53
C VAL B 167 0.33 11.79 -3.97
N GLY B 168 0.84 11.01 -3.03
CA GLY B 168 1.79 9.91 -3.34
C GLY B 168 1.20 8.89 -4.29
N TYR B 169 -0.06 8.51 -4.05
CA TYR B 169 -0.78 7.61 -4.94
C TYR B 169 -0.84 8.12 -6.39
N HIS B 170 -1.18 9.38 -6.56
CA HIS B 170 -1.26 9.98 -7.88
C HIS B 170 0.10 10.13 -8.54
N ILE B 171 1.12 10.41 -7.72
CA ILE B 171 2.50 10.43 -8.22
C ILE B 171 2.93 9.03 -8.71
N GLY B 172 2.67 8.00 -7.89
CA GLY B 172 2.96 6.59 -8.25
C GLY B 172 2.24 6.10 -9.51
N LEU B 173 0.99 6.55 -9.70
CA LEU B 173 0.25 6.25 -10.94
C LEU B 173 0.92 6.81 -12.20
N ARG B 174 1.73 7.87 -12.04
CA ARG B 174 2.50 8.44 -13.16
C ARG B 174 3.86 7.77 -13.33
N GLY B 175 4.13 6.76 -12.51
CA GLY B 175 5.40 6.03 -12.56
C GLY B 175 6.58 6.78 -11.96
N LEU B 176 6.32 7.85 -11.21
CA LEU B 176 7.41 8.61 -10.60
C LEU B 176 7.79 7.97 -9.27
N ASN B 177 9.07 8.12 -8.90
CA ASN B 177 9.57 7.64 -7.60
C ASN B 177 9.55 8.73 -6.55
N ILE B 178 9.64 8.33 -5.26
CA ILE B 178 9.57 9.24 -4.11
C ILE B 178 10.84 9.23 -3.26
N CYS B 179 11.33 10.42 -2.94
CA CYS B 179 12.45 10.56 -2.04
C CYS B 179 11.97 11.37 -0.84
N THR B 180 12.19 10.87 0.38
CA THR B 180 11.91 11.67 1.57
C THR B 180 13.10 11.63 2.53
N GLY B 181 12.99 12.37 3.61
CA GLY B 181 14.03 12.41 4.62
C GLY B 181 13.82 11.46 5.78
N CYS B 182 12.93 10.48 5.58
CA CYS B 182 12.59 9.46 6.59
C CYS B 182 11.76 10.07 7.73
N GLY B 183 11.07 9.22 8.47
CA GLY B 183 10.31 9.69 9.63
C GLY B 183 8.81 9.58 9.42
N PRO B 184 8.04 9.92 10.47
CA PRO B 184 6.59 9.77 10.41
C PRO B 184 5.91 10.90 9.65
N GLY B 185 4.58 10.95 9.73
CA GLY B 185 3.79 12.03 9.14
C GLY B 185 3.91 12.11 7.64
N ALA B 186 4.25 13.30 7.15
CA ALA B 186 4.32 13.59 5.72
C ALA B 186 5.55 12.98 5.03
N MET B 187 6.45 12.41 5.81
CA MET B 187 7.65 11.82 5.24
C MET B 187 7.48 10.31 5.02
N LYS B 188 6.32 9.79 5.42
CA LYS B 188 5.98 8.38 5.22
C LYS B 188 4.74 8.21 4.33
N GLY B 189 3.71 9.02 4.57
CA GLY B 189 2.47 8.93 3.80
C GLY B 189 2.57 8.83 2.28
N PRO B 190 3.32 9.76 1.64
CA PRO B 190 3.54 9.70 0.18
C PRO B 190 4.12 8.38 -0.31
N MET B 191 5.04 7.78 0.45
CA MET B 191 5.61 6.47 0.11
C MET B 191 4.55 5.36 0.16
N LYS B 192 3.65 5.43 1.15
CA LYS B 192 2.60 4.41 1.28
C LYS B 192 1.62 4.52 0.13
N GLY B 193 1.16 5.74 -0.13
CA GLY B 193 0.32 6.03 -1.29
C GLY B 193 0.95 5.59 -2.61
N ALA B 194 2.25 5.88 -2.79
CA ALA B 194 2.96 5.51 -4.01
C ALA B 194 3.05 4.01 -4.25
N THR B 195 3.10 3.23 -3.16
CA THR B 195 3.17 1.78 -3.25
C THR B 195 1.89 1.23 -3.91
N ILE B 196 0.76 1.86 -3.62
CA ILE B 196 -0.51 1.54 -4.29
C ILE B 196 -0.52 1.95 -5.77
N GLY B 197 -0.10 3.18 -6.07
CA GLY B 197 0.00 3.65 -7.46
C GLY B 197 0.92 2.77 -8.30
N HIS B 198 2.10 2.47 -7.76
CA HIS B 198 3.07 1.61 -8.45
C HIS B 198 2.53 0.20 -8.73
N ALA B 199 1.79 -0.38 -7.76
CA ALA B 199 1.25 -1.75 -7.92
C ALA B 199 0.22 -1.82 -9.06
N LYS B 200 -0.66 -0.83 -9.10
CA LYS B 200 -1.66 -0.69 -10.17
C LYS B 200 -0.99 -0.56 -11.53
N GLN B 201 0.14 0.15 -11.58
CA GLN B 201 0.89 0.31 -12.84
C GLN B 201 1.88 -0.81 -13.08
N ARG B 202 1.89 -1.82 -12.19
CA ARG B 202 2.84 -2.94 -12.25
C ARG B 202 4.29 -2.44 -12.39
N VAL B 203 4.63 -1.41 -11.62
CA VAL B 203 6.00 -0.88 -11.61
C VAL B 203 6.88 -1.84 -10.81
N GLU B 204 7.91 -2.37 -11.49
N GLU B 204 7.91 -2.40 -11.45
CA GLU B 204 8.95 -3.16 -10.85
CA GLU B 204 8.65 -3.53 -10.87
C GLU B 204 10.13 -2.23 -10.53
C GLU B 204 9.80 -3.09 -9.96
N GLY B 205 10.73 -2.42 -9.37
N GLY B 205 10.44 -1.99 -10.30
CA GLY B 205 11.85 -1.61 -8.94
CA GLY B 205 11.56 -1.48 -9.52
C GLY B 205 11.48 -0.16 -8.68
C GLY B 205 11.31 -0.07 -9.02
N GLY B 206 10.25 0.07 -8.22
CA GLY B 206 9.86 1.38 -7.67
C GLY B 206 10.89 1.79 -6.64
N ARG B 207 11.31 3.05 -6.67
CA ARG B 207 12.40 3.51 -5.82
C ARG B 207 11.84 4.37 -4.72
N TYR B 208 12.14 3.98 -3.49
CA TYR B 208 11.72 4.73 -2.32
C TYR B 208 12.96 5.15 -1.55
N LEU B 209 13.43 6.34 -1.85
CA LEU B 209 14.71 6.83 -1.38
C LEU B 209 14.60 7.56 -0.06
N GLY B 210 15.38 7.13 0.93
CA GLY B 210 15.44 7.83 2.22
C GLY B 210 16.82 8.40 2.41
N LEU B 211 16.86 9.70 2.69
CA LEU B 211 18.10 10.43 2.91
C LEU B 211 18.07 10.96 4.33
N THR B 212 19.07 10.59 5.12
CA THR B 212 19.09 10.99 6.51
C THR B 212 20.54 11.30 6.91
N GLU B 213 20.75 11.58 8.20
CA GLU B 213 22.08 11.86 8.74
C GLU B 213 22.03 11.52 10.23
N PRO B 214 23.21 11.31 10.86
CA PRO B 214 23.16 10.78 12.23
C PRO B 214 22.47 11.62 13.29
N GLY B 215 22.40 12.93 13.07
CA GLY B 215 21.80 13.83 14.05
C GLY B 215 20.28 13.70 14.10
N ILE B 216 19.67 13.55 12.94
CA ILE B 216 18.21 13.54 12.83
C ILE B 216 17.61 12.11 12.78
N ILE B 217 18.44 11.12 12.49
CA ILE B 217 17.95 9.75 12.32
C ILE B 217 17.14 9.17 13.50
N ALA B 218 17.52 9.48 14.74
CA ALA B 218 16.81 8.98 15.93
C ALA B 218 15.43 9.60 16.08
N ALA B 219 15.32 10.88 15.75
CA ALA B 219 14.05 11.59 15.85
C ALA B 219 13.12 11.31 14.66
N GLU B 220 13.70 11.14 13.47
CA GLU B 220 12.91 10.87 12.28
C GLU B 220 13.39 9.60 11.56
N PRO B 221 13.09 8.42 12.15
CA PRO B 221 13.72 7.17 11.73
C PRO B 221 13.08 6.53 10.50
N PRO B 222 13.89 5.83 9.70
CA PRO B 222 13.44 5.19 8.46
C PRO B 222 12.47 4.03 8.69
N ASN B 223 11.28 4.14 8.10
CA ASN B 223 10.30 3.04 8.03
C ASN B 223 10.83 2.02 7.02
N PRO B 224 10.64 0.70 7.27
CA PRO B 224 11.15 -0.33 6.34
C PRO B 224 10.52 -0.36 4.94
N ILE B 225 9.53 0.48 4.65
CA ILE B 225 9.11 0.64 3.24
C ILE B 225 10.18 1.37 2.41
N VAL B 226 11.05 2.13 3.08
CA VAL B 226 12.24 2.72 2.46
C VAL B 226 13.07 1.59 1.87
N ASN B 227 13.30 1.63 0.56
CA ASN B 227 14.10 0.56 -0.04
C ASN B 227 15.50 0.98 -0.49
N GLU B 228 15.80 2.28 -0.41
CA GLU B 228 17.16 2.80 -0.56
C GLU B 228 17.39 3.84 0.52
N LEU B 229 18.29 3.55 1.45
CA LEU B 229 18.61 4.47 2.54
C LEU B 229 20.02 4.96 2.38
N VAL B 230 20.20 6.27 2.49
CA VAL B 230 21.51 6.89 2.47
C VAL B 230 21.72 7.76 3.72
N ILE B 231 22.77 7.48 4.48
CA ILE B 231 23.15 8.33 5.59
CA ILE B 231 23.17 8.30 5.62
C ILE B 231 24.26 9.27 5.16
N LEU B 232 23.93 10.55 5.08
CA LEU B 232 24.88 11.60 4.78
C LEU B 232 25.58 11.95 6.10
N PRO B 233 26.77 12.60 6.07
CA PRO B 233 27.50 12.88 7.32
C PRO B 233 26.87 13.94 8.22
N ASP B 234 26.15 14.89 7.63
CA ASP B 234 25.51 15.96 8.42
C ASP B 234 24.27 16.53 7.72
N ILE B 235 23.59 17.46 8.39
CA ILE B 235 22.30 17.99 7.92
CA ILE B 235 22.30 17.98 7.91
C ILE B 235 22.44 18.80 6.62
N GLU B 236 23.59 19.46 6.46
CA GLU B 236 23.86 20.28 5.28
C GLU B 236 24.08 19.40 4.07
N LYS B 237 24.78 18.27 4.27
CA LYS B 237 25.03 17.31 3.20
C LYS B 237 23.78 16.54 2.84
N ARG B 238 22.86 16.42 3.78
CA ARG B 238 21.56 15.83 3.44
C ARG B 238 20.71 16.77 2.58
N LEU B 239 20.66 18.05 2.97
CA LEU B 239 19.99 19.08 2.21
C LEU B 239 20.52 19.17 0.78
N GLU B 240 21.85 19.18 0.66
CA GLU B 240 22.48 19.13 -0.67
C GLU B 240 22.11 17.87 -1.43
N ALA B 241 22.04 16.72 -0.76
CA ALA B 241 21.61 15.47 -1.43
C ALA B 241 20.18 15.60 -1.99
N PHE B 242 19.26 16.17 -1.20
CA PHE B 242 17.90 16.43 -1.69
C PHE B 242 17.94 17.20 -3.03
N VAL B 243 18.54 18.40 -3.02
CA VAL B 243 18.46 19.29 -4.17
C VAL B 243 19.33 18.86 -5.36
N ARG B 244 20.35 18.06 -5.10
CA ARG B 244 21.15 17.48 -6.20
C ARG B 244 20.41 16.31 -6.84
N CYS B 245 19.54 15.64 -6.08
CA CYS B 245 18.88 14.44 -6.61
C CYS B 245 17.49 14.71 -7.17
N ALA B 246 16.82 15.73 -6.64
CA ALA B 246 15.45 16.06 -6.99
C ALA B 246 15.26 16.32 -8.46
N HIS B 247 14.17 15.81 -9.02
CA HIS B 247 13.73 16.24 -10.32
C HIS B 247 12.45 17.05 -10.17
N GLY B 248 11.85 16.97 -8.99
CA GLY B 248 10.68 17.78 -8.65
C GLY B 248 10.62 17.80 -7.15
N ILE B 249 9.98 18.84 -6.59
CA ILE B 249 9.84 18.93 -5.13
C ILE B 249 8.40 19.26 -4.76
N VAL B 250 7.83 18.44 -3.88
CA VAL B 250 6.49 18.65 -3.31
C VAL B 250 6.65 18.96 -1.82
N ILE B 251 6.04 20.06 -1.37
CA ILE B 251 6.20 20.52 0.02
C ILE B 251 4.82 20.67 0.64
N PHE B 252 4.58 19.87 1.67
CA PHE B 252 3.33 19.89 2.46
C PHE B 252 3.50 20.81 3.67
N PRO B 253 2.38 21.14 4.37
CA PRO B 253 2.54 21.82 5.66
C PRO B 253 3.47 21.09 6.64
N GLY B 254 4.26 21.87 7.37
CA GLY B 254 5.12 21.34 8.40
C GLY B 254 5.61 22.35 9.41
N GLY B 255 6.52 21.90 10.27
CA GLY B 255 7.11 22.75 11.30
C GLY B 255 8.45 23.36 10.91
N ALA B 256 9.37 23.40 11.87
CA ALA B 256 10.66 24.06 11.70
C ALA B 256 11.58 23.33 10.71
N GLY B 257 11.47 22.00 10.65
CA GLY B 257 12.29 21.19 9.74
C GLY B 257 11.94 21.44 8.29
N THR B 258 10.63 21.54 8.01
CA THR B 258 10.13 21.83 6.67
C THR B 258 10.34 23.32 6.34
N ALA B 259 10.32 24.18 7.37
CA ALA B 259 10.72 25.57 7.20
C ALA B 259 12.19 25.68 6.79
N GLU B 260 13.06 24.91 7.46
CA GLU B 260 14.49 24.86 7.13
C GLU B 260 14.74 24.44 5.68
N GLU B 261 14.08 23.36 5.25
CA GLU B 261 14.24 22.84 3.87
C GLU B 261 13.79 23.84 2.81
N LEU B 262 12.68 24.52 3.07
CA LEU B 262 12.14 25.49 2.12
C LEU B 262 13.08 26.68 1.97
N LEU B 263 13.63 27.15 3.09
CA LEU B 263 14.55 28.30 3.07
C LEU B 263 15.87 27.94 2.41
N TYR B 264 16.34 26.72 2.65
CA TYR B 264 17.50 26.16 1.94
C TYR B 264 17.20 26.24 0.44
N LEU B 265 16.11 25.60 0.03
CA LEU B 265 15.72 25.53 -1.37
C LEU B 265 15.61 26.91 -2.02
N LEU B 266 14.82 27.81 -1.42
CA LEU B 266 14.57 29.14 -1.99
C LEU B 266 15.82 29.99 -2.06
N GLY B 267 16.67 29.93 -1.03
CA GLY B 267 17.90 30.70 -0.98
C GLY B 267 18.81 30.38 -2.15
N ILE B 268 18.94 29.09 -2.45
CA ILE B 268 19.73 28.60 -3.59
C ILE B 268 19.12 29.00 -4.94
N LEU B 269 17.81 28.80 -5.09
CA LEU B 269 17.18 29.03 -6.40
C LEU B 269 17.09 30.51 -6.77
N MET B 270 17.24 31.38 -5.76
CA MET B 270 17.32 32.83 -5.94
CA MET B 270 17.29 32.81 -5.99
C MET B 270 18.59 33.27 -6.66
N HIS B 271 19.65 32.48 -6.52
CA HIS B 271 20.97 32.79 -7.07
C HIS B 271 20.88 33.03 -8.58
N PRO B 272 21.46 34.15 -9.06
CA PRO B 272 21.57 34.46 -10.49
C PRO B 272 22.02 33.28 -11.36
N ASP B 273 22.98 32.48 -10.87
CA ASP B 273 23.48 31.31 -11.62
C ASP B 273 22.46 30.19 -11.77
N ASN B 274 21.40 30.24 -10.95
CA ASN B 274 20.38 29.20 -10.94
C ASN B 274 19.07 29.60 -11.62
N GLN B 275 19.00 30.83 -12.12
CA GLN B 275 17.80 31.28 -12.86
C GLN B 275 17.48 30.38 -14.07
N ARG B 276 18.53 29.82 -14.67
CA ARG B 276 18.43 28.85 -15.77
C ARG B 276 17.70 27.56 -15.46
N GLN B 277 17.67 27.19 -14.18
CA GLN B 277 17.16 25.87 -13.75
C GLN B 277 15.70 25.66 -14.04
N SER B 278 15.41 24.43 -14.46
CA SER B 278 14.04 23.95 -14.47
C SER B 278 13.92 22.96 -13.34
N LEU B 279 13.12 23.32 -12.33
CA LEU B 279 12.92 22.47 -11.16
C LEU B 279 11.56 22.83 -10.58
N PRO B 280 10.54 22.03 -10.91
CA PRO B 280 9.17 22.29 -10.47
C PRO B 280 9.04 22.10 -8.96
N VAL B 281 8.52 23.12 -8.30
CA VAL B 281 8.36 23.12 -6.86
C VAL B 281 6.88 23.43 -6.64
N ILE B 282 6.20 22.54 -5.93
CA ILE B 282 4.78 22.71 -5.61
C ILE B 282 4.59 22.70 -4.09
N LEU B 283 3.98 23.75 -3.57
CA LEU B 283 3.46 23.73 -2.19
C LEU B 283 2.00 23.31 -2.23
N THR B 284 1.62 22.35 -1.39
CA THR B 284 0.30 21.73 -1.49
C THR B 284 -0.19 21.18 -0.16
N GLY B 285 -1.50 21.20 0.03
CA GLY B 285 -2.14 20.64 1.21
C GLY B 285 -3.64 20.47 0.99
N PRO B 286 -4.34 19.91 2.00
CA PRO B 286 -5.81 19.76 1.87
C PRO B 286 -6.49 21.13 2.00
N ALA B 287 -7.82 21.14 1.89
CA ALA B 287 -8.61 22.39 1.94
C ALA B 287 -8.37 23.18 3.23
N SER B 288 -8.17 22.48 4.34
CA SER B 288 -7.94 23.10 5.64
C SER B 288 -6.60 23.87 5.73
N SER B 289 -5.68 23.55 4.83
CA SER B 289 -4.33 24.15 4.87
C SER B 289 -4.22 25.48 4.13
N ARG B 290 -5.36 26.03 3.70
CA ARG B 290 -5.37 27.26 2.91
C ARG B 290 -4.80 28.44 3.69
N ASP B 291 -5.26 28.62 4.92
CA ASP B 291 -4.75 29.67 5.82
C ASP B 291 -3.26 29.49 6.14
N TYR B 292 -2.85 28.25 6.32
CA TYR B 292 -1.45 27.93 6.55
C TYR B 292 -0.59 28.45 5.40
N PHE B 293 -0.96 28.07 4.17
CA PHE B 293 -0.18 28.45 3.00
C PHE B 293 -0.21 29.94 2.68
N GLU B 294 -1.35 30.60 2.92
CA GLU B 294 -1.46 32.05 2.75
C GLU B 294 -0.48 32.80 3.64
N ALA B 295 -0.37 32.37 4.90
CA ALA B 295 0.54 32.96 5.88
C ALA B 295 2.01 32.65 5.62
N LEU B 296 2.30 31.45 5.09
CA LEU B 296 3.67 31.06 4.76
C LEU B 296 4.17 31.83 3.54
N ASP B 297 3.27 31.97 2.56
CA ASP B 297 3.53 32.75 1.35
C ASP B 297 3.76 34.21 1.73
N GLU B 298 2.98 34.72 2.69
CA GLU B 298 3.16 36.07 3.24
C GLU B 298 4.52 36.24 3.94
N PHE B 299 4.91 35.25 4.75
CA PHE B 299 6.22 35.23 5.40
C PHE B 299 7.38 35.27 4.39
N ILE B 300 7.28 34.46 3.33
CA ILE B 300 8.32 34.44 2.29
C ILE B 300 8.45 35.82 1.64
N GLY B 301 7.31 36.39 1.24
CA GLY B 301 7.26 37.75 0.68
C GLY B 301 7.83 38.84 1.56
N ALA B 302 7.53 38.77 2.87
CA ALA B 302 7.98 39.78 3.82
C ALA B 302 9.46 39.65 4.22
N THR B 303 10.07 38.51 3.91
CA THR B 303 11.44 38.27 4.32
C THR B 303 12.41 38.31 3.14
N ILE B 304 12.26 37.36 2.22
CA ILE B 304 13.21 37.24 1.11
C ILE B 304 12.67 37.79 -0.21
N GLY B 305 11.39 38.12 -0.26
CA GLY B 305 10.80 38.87 -1.37
C GLY B 305 10.01 38.07 -2.41
N ASP B 306 9.45 38.80 -3.37
CA ASP B 306 8.65 38.18 -4.45
C ASP B 306 9.49 37.41 -5.48
N GLU B 307 10.80 37.64 -5.45
CA GLU B 307 11.77 36.88 -6.24
C GLU B 307 11.82 35.42 -5.81
N ALA B 308 11.40 35.16 -4.57
CA ALA B 308 11.33 33.82 -4.02
C ALA B 308 9.94 33.20 -4.20
N ARG B 309 8.88 34.00 -3.99
CA ARG B 309 7.51 33.54 -4.14
CA ARG B 309 7.50 33.55 -4.14
C ARG B 309 7.22 33.02 -5.54
N GLN B 310 7.95 33.56 -6.52
CA GLN B 310 7.86 33.17 -7.93
C GLN B 310 8.42 31.76 -8.21
N LEU B 311 9.17 31.20 -7.27
CA LEU B 311 9.86 29.91 -7.50
C LEU B 311 8.97 28.69 -7.30
N TYR B 312 7.77 28.90 -6.79
CA TYR B 312 6.88 27.77 -6.53
C TYR B 312 5.46 28.11 -6.93
N LYS B 313 4.64 27.07 -7.02
CA LYS B 313 3.19 27.19 -7.24
C LYS B 313 2.47 26.53 -6.06
N ILE B 314 1.41 27.18 -5.57
CA ILE B 314 0.59 26.60 -4.50
C ILE B 314 -0.67 25.94 -5.09
N ILE B 315 -0.82 24.64 -4.84
CA ILE B 315 -2.03 23.89 -5.23
C ILE B 315 -2.76 23.37 -3.99
N ILE B 316 -4.00 23.81 -3.80
CA ILE B 316 -4.79 23.41 -2.62
C ILE B 316 -5.82 22.37 -3.02
N ASP B 317 -5.85 21.25 -2.30
CA ASP B 317 -6.92 20.24 -2.40
C ASP B 317 -7.09 19.69 -3.82
N ASP B 318 -6.00 19.17 -4.39
CA ASP B 318 -6.03 18.55 -5.73
C ASP B 318 -4.84 17.61 -5.94
N PRO B 319 -4.88 16.39 -5.38
CA PRO B 319 -3.77 15.46 -5.56
C PRO B 319 -3.46 15.12 -7.02
N ALA B 320 -4.47 14.98 -7.88
CA ALA B 320 -4.23 14.72 -9.31
C ALA B 320 -3.46 15.83 -10.03
N ALA B 321 -3.77 17.09 -9.70
CA ALA B 321 -3.06 18.24 -10.30
C ALA B 321 -1.61 18.34 -9.84
N VAL B 322 -1.36 18.05 -8.56
CA VAL B 322 0.01 18.01 -8.04
C VAL B 322 0.85 17.02 -8.87
N ALA B 323 0.30 15.83 -9.07
CA ALA B 323 0.99 14.77 -9.84
C ALA B 323 1.17 15.11 -11.32
N GLN B 324 0.18 15.79 -11.90
CA GLN B 324 0.25 16.26 -13.28
CA GLN B 324 0.25 16.26 -13.28
C GLN B 324 1.40 17.25 -13.43
N HIS B 325 1.54 18.14 -12.44
CA HIS B 325 2.60 19.14 -12.42
C HIS B 325 3.98 18.52 -12.31
N MET B 326 4.12 17.49 -11.48
CA MET B 326 5.36 16.72 -11.39
C MET B 326 5.68 16.01 -12.71
N HIS B 327 4.66 15.42 -13.33
CA HIS B 327 4.82 14.72 -14.61
C HIS B 327 5.20 15.65 -15.77
N ALA B 328 4.49 16.76 -15.95
CA ALA B 328 4.91 17.78 -16.92
C ALA B 328 6.34 18.29 -16.63
N GLY B 329 6.61 18.50 -15.34
CA GLY B 329 7.92 18.93 -14.86
C GLY B 329 9.08 18.01 -15.21
N MET B 330 8.86 16.70 -15.23
CA MET B 330 9.93 15.75 -15.60
C MET B 330 10.43 16.03 -17.01
N ALA B 331 9.51 16.34 -17.93
CA ALA B 331 9.84 16.65 -19.32
C ALA B 331 10.69 17.93 -19.43
N ALA B 332 10.32 18.95 -18.66
CA ALA B 332 11.03 20.23 -18.62
C ALA B 332 12.40 20.08 -17.96
N VAL B 333 12.49 19.18 -16.97
CA VAL B 333 13.76 18.92 -16.30
C VAL B 333 14.67 18.15 -17.24
N LYS B 334 14.11 17.16 -17.93
CA LYS B 334 14.86 16.37 -18.91
C LYS B 334 15.43 17.30 -19.98
N GLN B 335 14.61 18.25 -20.44
CA GLN B 335 15.02 19.22 -21.44
C GLN B 335 16.11 20.13 -20.91
N TYR B 336 15.95 20.58 -19.65
CA TYR B 336 16.96 21.39 -19.00
C TYR B 336 18.34 20.72 -18.95
N ARG B 337 18.39 19.47 -18.48
CA ARG B 337 19.66 18.76 -18.28
C ARG B 337 20.33 18.46 -19.60
N ARG B 338 19.53 18.13 -20.60
CA ARG B 338 20.01 17.87 -21.96
CA ARG B 338 20.04 17.86 -21.94
C ARG B 338 20.64 19.11 -22.56
N ASP B 339 19.91 20.23 -22.50
CA ASP B 339 20.35 21.51 -23.02
C ASP B 339 21.58 22.06 -22.30
N SER B 340 21.79 21.61 -21.06
CA SER B 340 22.86 22.15 -20.24
C SER B 340 24.08 21.25 -20.20
N GLY B 341 24.01 20.10 -20.88
CA GLY B 341 25.08 19.08 -20.80
C GLY B 341 25.24 18.53 -19.39
N ASP B 342 24.13 18.50 -18.65
CA ASP B 342 24.11 18.05 -17.26
C ASP B 342 23.54 16.63 -17.17
N ALA B 343 23.87 15.93 -16.09
CA ALA B 343 23.41 14.56 -15.82
C ALA B 343 21.95 14.57 -15.41
N TYR B 344 21.24 13.47 -15.66
CA TYR B 344 19.89 13.30 -15.13
C TYR B 344 19.93 13.00 -13.64
N TYR B 345 20.92 12.22 -13.21
CA TYR B 345 20.98 11.63 -11.88
C TYR B 345 21.49 12.53 -10.75
N PHE B 346 22.18 13.61 -11.12
CA PHE B 346 22.81 14.53 -10.16
C PHE B 346 22.87 15.89 -10.84
N ASN B 347 22.29 16.90 -10.19
CA ASN B 347 22.23 18.24 -10.72
C ASN B 347 23.56 18.97 -10.47
N TRP B 348 24.55 18.73 -11.32
CA TRP B 348 25.85 19.38 -11.18
C TRP B 348 25.83 20.89 -11.47
N THR B 349 24.94 21.33 -12.35
CA THR B 349 24.89 22.73 -12.78
C THR B 349 24.33 23.66 -11.73
N LEU B 350 23.53 23.11 -10.82
CA LEU B 350 23.05 23.85 -9.67
C LEU B 350 24.23 24.46 -8.90
N LYS B 351 24.08 25.73 -8.55
CA LYS B 351 25.16 26.45 -7.90
C LYS B 351 24.74 26.70 -6.46
N ILE B 352 25.46 26.07 -5.55
CA ILE B 352 25.18 26.19 -4.13
C ILE B 352 26.34 26.90 -3.44
N ASN B 353 26.05 28.05 -2.86
CA ASN B 353 27.04 28.86 -2.14
CA ASN B 353 27.05 28.84 -2.14
C ASN B 353 27.43 28.20 -0.81
N GLU B 354 28.67 28.41 -0.38
CA GLU B 354 29.20 27.80 0.84
C GLU B 354 28.43 28.17 2.12
N GLU B 355 27.73 29.31 2.12
CA GLU B 355 26.83 29.68 3.23
C GLU B 355 25.71 28.66 3.41
N PHE B 356 25.40 27.92 2.34
CA PHE B 356 24.40 26.87 2.41
C PHE B 356 24.98 25.50 2.72
N GLN B 357 26.30 25.38 2.60
CA GLN B 357 26.99 24.12 2.82
C GLN B 357 27.76 24.02 4.14
N ARG B 358 28.39 25.12 4.57
CA ARG B 358 29.22 25.11 5.76
C ARG B 358 28.43 24.60 6.98
N PRO B 359 28.88 23.46 7.57
CA PRO B 359 28.18 22.84 8.71
C PRO B 359 28.01 23.81 9.87
N PHE B 360 26.77 23.95 10.31
CA PHE B 360 26.41 24.87 11.37
C PHE B 360 26.27 24.07 12.65
N SER B 361 27.04 24.48 13.67
CA SER B 361 26.92 23.92 15.00
C SER B 361 26.01 24.83 15.81
N PRO B 362 24.84 24.30 16.22
CA PRO B 362 23.83 25.17 16.84
C PRO B 362 24.11 25.44 18.33
N THR B 363 25.14 26.23 18.61
CA THR B 363 25.42 26.67 19.97
C THR B 363 24.75 28.01 20.18
N HIS B 364 24.63 28.44 21.44
CA HIS B 364 23.99 29.72 21.78
C HIS B 364 24.72 30.92 21.21
N GLU B 365 26.04 30.81 21.14
CA GLU B 365 26.88 31.86 20.56
C GLU B 365 26.66 31.98 19.06
N ASN B 366 26.64 30.85 18.36
CA ASN B 366 26.41 30.83 16.91
C ASN B 366 25.02 31.30 16.50
N VAL B 367 24.00 30.97 17.31
CA VAL B 367 22.61 31.39 17.04
C VAL B 367 22.43 32.91 17.21
N ALA B 368 23.01 33.46 18.28
CA ALA B 368 22.97 34.90 18.54
C ALA B 368 23.73 35.73 17.47
N ALA B 369 24.76 35.12 16.89
CA ALA B 369 25.58 35.76 15.86
C ALA B 369 24.92 35.79 14.47
N LEU B 370 23.74 35.20 14.32
CA LEU B 370 23.02 35.24 13.04
C LEU B 370 22.50 36.64 12.74
N ASN B 371 22.61 37.03 11.47
CA ASN B 371 22.22 38.35 10.98
C ASN B 371 20.84 38.32 10.32
N LEU B 372 19.82 38.63 11.12
CA LEU B 372 18.44 38.54 10.67
C LEU B 372 17.85 39.93 10.46
N HIS B 373 18.39 40.63 9.47
CA HIS B 373 17.96 41.97 9.09
C HIS B 373 17.75 42.04 7.56
N PRO B 374 16.91 42.98 7.06
CA PRO B 374 16.60 42.95 5.64
C PRO B 374 17.47 43.85 4.75
N ASP B 375 18.61 44.29 5.27
CA ASP B 375 19.58 45.09 4.50
C ASP B 375 20.75 44.20 4.07
N GLN B 376 20.44 42.91 4.04
CA GLN B 376 21.37 41.91 3.54
CA GLN B 376 21.34 41.88 3.55
C GLN B 376 20.99 41.58 2.10
N PRO B 377 21.95 41.03 1.32
CA PRO B 377 21.48 40.37 0.11
C PRO B 377 20.49 39.29 0.57
N LYS B 378 19.39 39.12 -0.16
CA LYS B 378 18.33 38.23 0.31
C LYS B 378 18.72 36.75 0.39
N GLU B 379 19.73 36.35 -0.38
CA GLU B 379 20.29 34.99 -0.36
C GLU B 379 21.04 34.72 0.93
N ARG B 380 21.71 35.75 1.45
CA ARG B 380 22.41 35.67 2.73
C ARG B 380 21.39 35.62 3.88
N LEU B 381 20.29 36.36 3.73
CA LEU B 381 19.22 36.33 4.72
C LEU B 381 18.58 34.94 4.78
N ALA B 382 18.33 34.34 3.61
CA ALA B 382 17.84 32.96 3.55
C ALA B 382 18.80 31.97 4.20
N ALA B 383 20.10 32.16 4.02
CA ALA B 383 21.10 31.28 4.65
C ALA B 383 21.04 31.29 6.17
N ASP B 384 20.82 32.48 6.74
CA ASP B 384 20.82 32.65 8.18
C ASP B 384 19.49 32.20 8.78
N LEU B 385 18.40 32.52 8.08
CA LEU B 385 17.10 31.92 8.37
C LEU B 385 17.13 30.37 8.34
N ARG B 386 17.85 29.78 7.39
CA ARG B 386 18.02 28.32 7.33
C ARG B 386 18.70 27.83 8.63
N ARG B 387 19.82 28.46 8.98
CA ARG B 387 20.58 28.10 10.17
C ARG B 387 19.75 28.26 11.45
N ALA B 388 18.91 29.30 11.48
CA ALA B 388 18.02 29.57 12.62
C ALA B 388 16.95 28.49 12.82
N PHE B 389 16.30 28.07 11.73
CA PHE B 389 15.35 26.95 11.78
C PHE B 389 16.04 25.63 12.17
N SER B 390 17.28 25.47 11.70
CA SER B 390 18.10 24.29 12.01
CA SER B 390 18.11 24.30 12.01
C SER B 390 18.42 24.20 13.50
N ALA B 391 18.68 25.34 14.12
CA ALA B 391 18.96 25.39 15.56
C ALA B 391 17.71 25.00 16.34
N ILE B 392 16.54 25.45 15.87
CA ILE B 392 15.26 25.11 16.51
C ILE B 392 14.98 23.62 16.41
N VAL B 393 15.18 23.05 15.23
CA VAL B 393 15.09 21.59 15.06
C VAL B 393 16.04 20.86 16.04
N ALA B 394 17.28 21.33 16.11
CA ALA B 394 18.29 20.68 16.96
C ALA B 394 17.94 20.74 18.45
N GLY B 395 17.50 21.91 18.91
CA GLY B 395 17.07 22.09 20.29
C GLY B 395 15.80 21.34 20.64
N ASN B 396 14.98 21.01 19.63
CA ASN B 396 13.76 20.25 19.83
C ASN B 396 13.99 18.75 19.89
N VAL B 397 14.82 18.22 18.99
CA VAL B 397 14.86 16.78 18.77
C VAL B 397 16.24 16.09 18.72
N LYS B 398 17.31 16.84 18.46
CA LYS B 398 18.64 16.25 18.37
CA LYS B 398 18.65 16.26 18.37
C LYS B 398 19.29 16.22 19.76
N ASP B 399 20.01 15.13 20.02
CA ASP B 399 20.63 14.85 21.33
C ASP B 399 21.56 15.95 21.84
N GLU B 400 22.47 16.41 20.98
CA GLU B 400 23.40 17.49 21.34
C GLU B 400 22.68 18.83 21.51
N GLY B 401 21.65 19.04 20.69
CA GLY B 401 20.87 20.27 20.72
C GLY B 401 20.08 20.40 22.02
N ILE B 402 19.47 19.30 22.46
CA ILE B 402 18.74 19.25 23.73
C ILE B 402 19.69 19.50 24.92
N ARG B 403 20.92 18.98 24.82
CA ARG B 403 21.99 19.24 25.79
C ARG B 403 22.37 20.73 25.91
N GLN B 404 22.47 21.42 24.78
CA GLN B 404 22.72 22.88 24.74
C GLN B 404 21.62 23.66 25.47
N ILE B 405 20.37 23.23 25.30
CA ILE B 405 19.21 23.84 25.96
C ILE B 405 19.25 23.60 27.47
N ARG B 406 19.74 22.44 27.89
CA ARG B 406 19.77 22.12 29.32
C ARG B 406 20.89 22.85 30.07
N LYS B 407 21.97 23.20 29.38
CA LYS B 407 23.09 23.88 30.03
C LYS B 407 23.08 25.41 29.86
N ASN B 408 22.36 25.90 28.86
CA ASN B 408 22.30 27.34 28.60
C ASN B 408 20.88 27.93 28.60
N GLY B 409 19.87 27.08 28.73
CA GLY B 409 18.48 27.53 28.56
C GLY B 409 18.16 27.72 27.09
N VAL B 410 17.08 28.44 26.80
CA VAL B 410 16.64 28.66 25.42
C VAL B 410 17.64 29.44 24.56
N PHE B 411 17.64 29.14 23.25
CA PHE B 411 18.39 29.93 22.28
C PHE B 411 17.76 31.31 22.20
N THR B 412 18.61 32.31 22.07
CA THR B 412 18.15 33.66 21.83
C THR B 412 18.32 33.97 20.34
N ILE B 413 17.20 34.21 19.69
CA ILE B 413 17.18 34.62 18.29
C ILE B 413 16.80 36.10 18.23
N HIS B 414 17.67 36.90 17.61
CA HIS B 414 17.39 38.32 17.42
C HIS B 414 17.70 38.81 16.01
N GLY B 415 17.19 39.99 15.69
CA GLY B 415 17.36 40.60 14.39
C GLY B 415 16.54 41.87 14.34
N GLU B 416 16.19 42.29 13.12
CA GLU B 416 15.42 43.50 12.89
C GLU B 416 13.98 43.31 13.38
N GLN B 417 13.44 44.35 14.01
CA GLN B 417 12.14 44.31 14.71
C GLN B 417 10.99 43.71 13.90
N SER B 418 10.79 44.22 12.68
CA SER B 418 9.64 43.81 11.86
C SER B 418 9.78 42.35 11.39
N LEU B 419 11.01 41.97 11.06
CA LEU B 419 11.33 40.60 10.66
CA LEU B 419 11.31 40.58 10.67
C LEU B 419 11.14 39.61 11.83
N MET B 420 11.61 39.99 13.02
CA MET B 420 11.46 39.13 14.19
C MET B 420 10.01 38.98 14.64
N LYS B 421 9.21 40.03 14.42
CA LYS B 421 7.77 39.95 14.59
C LYS B 421 7.09 38.95 13.63
N ARG B 422 7.56 38.89 12.38
CA ARG B 422 7.05 37.94 11.39
C ARG B 422 7.43 36.51 11.75
N LEU B 423 8.67 36.34 12.20
CA LEU B 423 9.16 35.05 12.64
C LEU B 423 8.45 34.55 13.89
N ASP B 424 8.22 35.45 14.84
CA ASP B 424 7.50 35.12 16.08
C ASP B 424 6.11 34.59 15.80
N GLU B 425 5.42 35.19 14.83
CA GLU B 425 4.08 34.77 14.43
C GLU B 425 4.09 33.42 13.72
N LEU B 426 5.09 33.21 12.85
CA LEU B 426 5.25 31.94 12.13
C LEU B 426 5.45 30.76 13.10
N LEU B 427 6.34 30.93 14.07
CA LEU B 427 6.67 29.88 15.03
C LEU B 427 5.53 29.62 15.99
N ARG B 428 4.79 30.67 16.36
CA ARG B 428 3.59 30.52 17.19
C ARG B 428 2.51 29.69 16.50
N ALA B 429 2.36 29.94 15.20
CA ALA B 429 1.45 29.15 14.36
C ALA B 429 1.87 27.67 14.30
N PHE B 430 3.17 27.39 14.27
CA PHE B 430 3.68 26.01 14.29
C PHE B 430 3.32 25.33 15.62
N VAL B 431 3.56 26.04 16.72
CA VAL B 431 3.25 25.51 18.05
C VAL B 431 1.75 25.26 18.17
N GLU B 432 0.96 26.27 17.79
CA GLU B 432 -0.51 26.22 17.87
C GLU B 432 -1.14 25.08 17.07
N GLN B 433 -0.55 24.76 15.92
CA GLN B 433 -1.08 23.72 15.05
C GLN B 433 -0.56 22.32 15.37
N GLY B 434 0.23 22.20 16.44
CA GLY B 434 0.78 20.90 16.87
C GLY B 434 1.96 20.43 16.03
N ARG B 435 2.62 21.38 15.35
CA ARG B 435 3.68 21.04 14.37
C ARG B 435 5.07 20.88 14.99
N MET B 436 5.24 21.33 16.22
CA MET B 436 6.57 21.29 16.84
C MET B 436 6.87 19.98 17.55
N LYS B 437 5.82 19.27 17.93
CA LYS B 437 5.94 18.07 18.77
C LYS B 437 4.71 17.19 18.56
N LEU B 438 4.91 15.87 18.60
CA LEU B 438 3.84 14.88 18.53
C LEU B 438 2.90 15.01 19.75
N PRO B 439 1.62 14.60 19.60
CA PRO B 439 0.67 14.71 20.71
C PRO B 439 1.03 13.84 21.92
N GLY B 440 0.59 14.25 23.11
CA GLY B 440 0.80 13.45 24.31
C GLY B 440 1.49 14.17 25.46
N SER B 441 2.20 15.25 25.17
CA SER B 441 2.87 16.09 26.18
C SER B 441 3.00 17.53 25.67
N VAL B 442 3.29 18.46 26.57
CA VAL B 442 3.43 19.87 26.19
C VAL B 442 4.73 20.12 25.43
N TYR B 443 4.68 21.07 24.51
CA TYR B 443 5.89 21.56 23.87
C TYR B 443 6.40 22.80 24.59
N ASN B 444 7.63 22.74 25.08
CA ASN B 444 8.28 23.91 25.66
C ASN B 444 9.31 24.40 24.67
N PRO B 445 9.11 25.62 24.11
CA PRO B 445 10.02 26.17 23.09
C PRO B 445 11.48 26.17 23.54
N CYS B 446 12.38 25.82 22.61
CA CYS B 446 13.80 25.79 22.88
C CYS B 446 14.45 27.11 22.48
N TYR B 447 13.62 28.10 22.16
CA TYR B 447 14.05 29.38 21.62
C TYR B 447 13.22 30.50 22.24
N LYS B 448 13.76 31.72 22.16
CA LYS B 448 12.98 32.93 22.32
C LYS B 448 13.35 33.88 21.20
N VAL B 449 12.34 34.44 20.56
CA VAL B 449 12.51 35.44 19.53
C VAL B 449 12.50 36.80 20.23
N ILE B 450 13.56 37.59 20.04
CA ILE B 450 13.64 38.92 20.64
C ILE B 450 12.98 39.95 19.73
N THR B 451 11.77 40.35 20.10
CA THR B 451 10.93 41.26 19.32
C THR B 451 11.20 42.73 19.69
#